data_6MR3
#
_entry.id   6MR3
#
_cell.length_a   152.030
_cell.length_b   54.507
_cell.length_c   111.013
_cell.angle_alpha   90.00
_cell.angle_beta   125.38
_cell.angle_gamma   90.00
#
_symmetry.space_group_name_H-M   'C 1 2 1'
#
loop_
_entity.id
_entity.type
_entity.pdbx_description
1 polymer 'Putative competence-damage inducible protein'
2 non-polymer 'CHLORIDE ION'
3 water water
#
_entity_poly.entity_id   1
_entity_poly.type   'polypeptide(L)'
_entity_poly.pdbx_seq_one_letter_code
;(MSE)KSEIIAVGTEILTGQIVNTNSQFLSEKFAELGIDVYFQTAVGDNEERLLSVLKIAKERSDLIVLCGGLGPTEDDL
TKQTLAKFLKRELVFDKTAQERLDEFFASRPTS(MSE)RTPNNECQAQIIAGSQPLSNKTGLAVGGLLEADGVTYVVLPG
PPSELKP(MSE)VNKELLPYLSKTSEKLYSRVLRFFGIGESHLVTLLHDLIAEQTDPTIAPYAKTGEVTIRLSTKAHRQK
EADSKLDKLEKKIITIDNLADYFYGYGEENSLPQVVFDLLKEKGKTITAAESLTAGLFQARLADFAGASDIFKGGFITYS
IEEKAR(MSE)LGIPFEDLQLHGVVSAFTAEK(MSE)AERSRQLTQADLAISLTGVAGPDSLEGQPAGTVFIGLSSSKRT
(MSE)AIKVLIGGRSRSDVRYIAVLHAFNLVRQTLLSHKNLV
;
_entity_poly.pdbx_strand_id   A,B,C
#
# COMPACT_ATOMS: atom_id res chain seq x y z
N GLU A 174 5.86 12.16 -48.66
CA GLU A 174 6.12 13.00 -47.50
C GLU A 174 4.82 13.32 -46.75
N LYS A 175 4.82 13.06 -45.45
CA LYS A 175 3.66 13.32 -44.63
C LYS A 175 3.80 14.63 -43.85
N LEU A 176 2.67 15.11 -43.35
CA LEU A 176 2.59 16.29 -42.52
C LEU A 176 2.80 15.90 -41.07
N TYR A 177 3.82 16.46 -40.43
CA TYR A 177 4.05 16.24 -39.01
C TYR A 177 3.65 17.48 -38.22
N SER A 178 3.09 17.23 -37.03
CA SER A 178 2.55 18.28 -36.19
C SER A 178 3.10 18.13 -34.79
N ARG A 179 3.10 19.25 -34.06
CA ARG A 179 3.39 19.27 -32.64
C ARG A 179 2.55 20.37 -31.99
N VAL A 180 1.92 20.05 -30.87
CA VAL A 180 1.04 20.97 -30.17
C VAL A 180 1.71 21.39 -28.87
N LEU A 181 1.91 22.69 -28.70
CA LEU A 181 2.40 23.26 -27.47
C LEU A 181 1.23 23.81 -26.67
N ARG A 182 1.17 23.46 -25.39
CA ARG A 182 0.05 23.81 -24.53
C ARG A 182 0.49 24.82 -23.48
N PHE A 183 -0.30 25.88 -23.31
CA PHE A 183 0.02 26.97 -22.40
C PHE A 183 -1.13 27.24 -21.46
N PHE A 184 -0.81 27.51 -20.19
CA PHE A 184 -1.78 28.00 -19.22
C PHE A 184 -1.25 29.27 -18.58
N GLY A 185 -2.16 30.20 -18.29
CA GLY A 185 -1.81 31.42 -17.59
C GLY A 185 -1.59 32.63 -18.48
N ILE A 186 -1.77 32.50 -19.79
CA ILE A 186 -1.65 33.63 -20.71
C ILE A 186 -2.79 33.55 -21.72
N GLY A 187 -3.45 34.68 -21.94
CA GLY A 187 -4.59 34.69 -22.85
C GLY A 187 -4.16 34.62 -24.30
N GLU A 188 -5.05 34.06 -25.14
CA GLU A 188 -4.72 33.91 -26.56
C GLU A 188 -4.49 35.25 -27.24
N SER A 189 -5.15 36.31 -26.77
CA SER A 189 -4.90 37.64 -27.33
C SER A 189 -3.51 38.14 -26.97
N HIS A 190 -3.05 37.85 -25.75
CA HIS A 190 -1.72 38.32 -25.35
C HIS A 190 -0.61 37.48 -25.97
N LEU A 191 -0.79 36.16 -26.02
CA LEU A 191 0.31 35.28 -26.43
C LEU A 191 0.73 35.54 -27.88
N VAL A 192 -0.25 35.80 -28.76
CA VAL A 192 0.05 35.92 -30.19
C VAL A 192 0.68 37.27 -30.51
N THR A 193 0.42 38.30 -29.70
CA THR A 193 1.11 39.56 -29.84
C THR A 193 2.62 39.37 -29.66
N LEU A 194 3.00 38.55 -28.68
CA LEU A 194 4.42 38.20 -28.51
C LEU A 194 4.93 37.43 -29.71
N LEU A 195 4.09 36.56 -30.28
CA LEU A 195 4.51 35.62 -31.30
C LEU A 195 4.55 36.21 -32.70
N HIS A 196 3.76 37.27 -32.96
CA HIS A 196 3.56 37.73 -34.34
C HIS A 196 4.86 38.08 -35.03
N ASP A 197 5.92 38.42 -34.29
CA ASP A 197 7.24 38.55 -34.88
C ASP A 197 7.58 37.31 -35.71
N LEU A 198 7.41 36.14 -35.13
CA LEU A 198 7.70 34.87 -35.79
C LEU A 198 6.49 34.31 -36.54
N ILE A 199 5.29 34.85 -36.32
CA ILE A 199 4.13 34.43 -37.11
C ILE A 199 4.10 35.18 -38.44
N ALA A 200 4.34 36.48 -38.41
CA ALA A 200 4.49 37.25 -39.65
C ALA A 200 5.76 36.88 -40.40
N GLU A 201 6.70 36.20 -39.77
CA GLU A 201 7.96 35.81 -40.39
C GLU A 201 7.99 34.34 -40.77
N GLN A 202 6.98 33.56 -40.38
CA GLN A 202 7.10 32.11 -40.37
C GLN A 202 7.33 31.55 -41.78
N THR A 203 7.77 30.30 -41.86
CA THR A 203 7.95 29.67 -43.17
C THR A 203 7.47 28.20 -43.21
N ASP A 204 8.20 27.36 -42.48
CA ASP A 204 8.01 25.95 -42.31
C ASP A 204 8.91 25.65 -41.11
N PRO A 205 8.37 25.17 -39.98
CA PRO A 205 6.98 24.80 -39.72
C PRO A 205 6.00 25.99 -39.66
N THR A 206 4.75 25.74 -40.04
CA THR A 206 3.71 26.74 -39.86
C THR A 206 3.32 26.83 -38.38
N ILE A 207 2.83 27.99 -37.98
CA ILE A 207 2.43 28.23 -36.59
C ILE A 207 0.97 28.62 -36.57
N ALA A 208 0.19 27.96 -35.71
CA ALA A 208 -1.24 28.21 -35.63
C ALA A 208 -1.71 28.13 -34.19
N PRO A 209 -2.09 29.25 -33.58
CA PRO A 209 -2.60 29.24 -32.20
C PRO A 209 -4.10 28.95 -32.15
N TYR A 210 -4.50 28.22 -31.10
CA TYR A 210 -5.90 27.87 -30.90
C TYR A 210 -6.23 28.03 -29.42
N ALA A 211 -7.25 28.83 -29.14
CA ALA A 211 -7.71 29.06 -27.78
C ALA A 211 -8.92 28.16 -27.49
N LYS A 212 -8.99 27.77 -26.23
CA LYS A 212 -10.05 26.97 -25.65
C LYS A 212 -10.27 27.44 -24.19
N THR A 213 -11.37 27.05 -23.57
CA THR A 213 -11.73 27.48 -22.24
C THR A 213 -10.59 27.30 -21.26
N GLY A 214 -9.95 28.41 -20.88
CA GLY A 214 -8.97 28.41 -19.81
C GLY A 214 -7.53 28.24 -20.24
N GLU A 215 -7.27 27.99 -21.52
CA GLU A 215 -5.90 27.75 -21.97
C GLU A 215 -5.82 28.03 -23.46
N VAL A 216 -4.58 28.01 -23.98
CA VAL A 216 -4.32 28.23 -25.40
C VAL A 216 -3.26 27.25 -25.85
N THR A 217 -3.30 26.90 -27.13
CA THR A 217 -2.32 26.00 -27.71
C THR A 217 -1.71 26.64 -28.94
N ILE A 218 -0.59 26.06 -29.38
CA ILE A 218 0.10 26.48 -30.59
C ILE A 218 0.45 25.24 -31.38
N ARG A 219 -0.01 25.17 -32.62
CA ARG A 219 0.24 24.04 -33.50
C ARG A 219 1.39 24.37 -34.44
N LEU A 220 2.45 23.59 -34.38
CA LEU A 220 3.52 23.64 -35.37
C LEU A 220 3.33 22.49 -36.35
N SER A 221 3.56 22.77 -37.63
CA SER A 221 3.28 21.80 -38.69
C SER A 221 4.37 21.88 -39.74
N THR A 222 4.98 20.73 -40.05
CA THR A 222 6.05 20.70 -41.03
C THR A 222 5.98 19.42 -41.86
N LYS A 223 6.63 19.47 -43.02
CA LYS A 223 6.74 18.34 -43.93
C LYS A 223 8.09 17.66 -43.76
N ALA A 224 8.09 16.33 -43.79
CA ALA A 224 9.34 15.57 -43.64
C ALA A 224 9.09 14.13 -44.10
N HIS A 225 10.18 13.37 -44.15
CA HIS A 225 10.18 11.97 -44.56
C HIS A 225 10.03 11.00 -43.38
N ARG A 226 10.63 11.36 -42.25
CA ARG A 226 10.58 10.53 -41.04
C ARG A 226 10.33 11.39 -39.81
N GLN A 227 9.77 10.80 -38.76
CA GLN A 227 9.48 11.54 -37.54
C GLN A 227 10.72 12.19 -36.95
N LYS A 228 11.89 11.58 -37.16
CA LYS A 228 13.13 12.14 -36.65
C LYS A 228 13.45 13.47 -37.33
N GLU A 229 13.31 13.52 -38.65
CA GLU A 229 13.63 14.74 -39.37
C GLU A 229 12.69 15.87 -38.99
N ALA A 230 11.39 15.56 -38.87
CA ALA A 230 10.42 16.57 -38.52
C ALA A 230 10.62 17.05 -37.08
N ASP A 231 10.91 16.13 -36.17
CA ASP A 231 11.16 16.52 -34.78
C ASP A 231 12.31 17.51 -34.69
N SER A 232 13.36 17.30 -35.50
CA SER A 232 14.53 18.18 -35.43
C SER A 232 14.18 19.60 -35.85
N LYS A 233 13.31 19.75 -36.85
CA LYS A 233 12.90 21.09 -37.28
C LYS A 233 11.85 21.68 -36.33
N LEU A 234 10.97 20.84 -35.80
CA LEU A 234 10.00 21.31 -34.83
C LEU A 234 10.68 21.75 -33.53
N ASP A 235 11.78 21.11 -33.17
CA ASP A 235 12.49 21.47 -31.94
C ASP A 235 13.11 22.86 -32.04
N LYS A 236 13.63 23.22 -33.23
CA LYS A 236 14.28 24.51 -33.38
C LYS A 236 13.29 25.66 -33.24
N LEU A 237 12.11 25.54 -33.85
CA LEU A 237 11.12 26.61 -33.74
C LEU A 237 10.51 26.66 -32.35
N GLU A 238 10.34 25.50 -31.69
CA GLU A 238 9.84 25.49 -30.33
C GLU A 238 10.80 26.23 -29.39
N LYS A 239 12.11 26.06 -29.61
CA LYS A 239 13.09 26.78 -28.81
C LYS A 239 12.97 28.29 -28.99
N LYS A 240 12.65 28.71 -30.20
CA LYS A 240 12.47 30.12 -30.42
C LYS A 240 11.27 30.63 -29.63
N ILE A 241 10.19 29.85 -29.62
CA ILE A 241 8.96 30.29 -28.97
C ILE A 241 9.13 30.35 -27.46
N ILE A 242 9.70 29.29 -26.88
CA ILE A 242 9.71 29.15 -25.43
C ILE A 242 10.55 30.24 -24.76
N THR A 243 11.70 30.58 -25.36
CA THR A 243 12.59 31.56 -24.74
C THR A 243 12.05 32.99 -24.81
N ILE A 244 10.97 33.23 -25.56
CA ILE A 244 10.41 34.57 -25.65
C ILE A 244 9.72 34.91 -24.33
N ASP A 245 10.13 36.03 -23.72
CA ASP A 245 9.52 36.59 -22.50
C ASP A 245 9.54 35.50 -21.42
N ASN A 246 8.41 35.24 -20.76
CA ASN A 246 8.32 34.18 -19.75
C ASN A 246 7.40 33.05 -20.21
N LEU A 247 7.38 32.78 -21.51
CA LEU A 247 6.50 31.74 -22.04
C LEU A 247 6.81 30.37 -21.44
N ALA A 248 8.05 30.17 -20.97
CA ALA A 248 8.41 28.95 -20.28
C ALA A 248 7.60 28.79 -18.99
N ASP A 249 7.17 29.90 -18.39
CA ASP A 249 6.31 29.83 -17.22
C ASP A 249 4.90 29.34 -17.57
N TYR A 250 4.47 29.51 -18.81
CA TYR A 250 3.13 29.17 -19.23
C TYR A 250 3.04 27.85 -19.98
N PHE A 251 4.10 27.44 -20.67
CA PHE A 251 4.10 26.17 -21.37
C PHE A 251 4.12 25.02 -20.36
N TYR A 252 3.21 24.06 -20.53
CA TYR A 252 3.12 22.96 -19.57
C TYR A 252 3.19 21.57 -20.18
N GLY A 253 3.06 21.41 -21.49
CA GLY A 253 3.14 20.09 -22.06
C GLY A 253 2.83 20.09 -23.54
N TYR A 254 2.87 18.88 -24.11
CA TYR A 254 2.64 18.63 -25.53
C TYR A 254 1.40 17.79 -25.73
N GLY A 255 0.82 17.89 -26.92
CA GLY A 255 -0.20 16.93 -27.33
C GLY A 255 -1.59 17.50 -27.56
N GLU A 256 -2.25 17.00 -28.60
CA GLU A 256 -3.60 17.44 -28.94
C GLU A 256 -4.61 17.16 -27.83
N GLU A 257 -4.35 16.12 -27.04
CA GLU A 257 -5.25 15.74 -25.97
C GLU A 257 -4.71 15.95 -24.55
N ASN A 258 -3.42 16.27 -24.42
CA ASN A 258 -2.92 16.47 -23.08
C ASN A 258 -3.76 17.54 -22.38
N SER A 259 -3.63 17.59 -21.07
CA SER A 259 -4.33 18.59 -20.30
C SER A 259 -3.56 18.78 -19.01
N LEU A 260 -3.83 19.91 -18.35
CA LEU A 260 -3.24 20.15 -17.04
C LEU A 260 -3.48 19.01 -16.05
N PRO A 261 -4.69 18.47 -15.90
CA PRO A 261 -4.87 17.34 -14.97
C PRO A 261 -4.06 16.11 -15.35
N GLN A 262 -3.94 15.82 -16.64
CA GLN A 262 -3.14 14.68 -17.06
C GLN A 262 -1.66 14.89 -16.74
N VAL A 263 -1.15 16.09 -17.01
CA VAL A 263 0.24 16.40 -16.70
C VAL A 263 0.49 16.30 -15.20
N VAL A 264 -0.44 16.80 -14.39
CA VAL A 264 -0.27 16.76 -12.94
C VAL A 264 -0.37 15.34 -12.42
N PHE A 265 -1.30 14.55 -12.97
CA PHE A 265 -1.41 13.15 -12.59
C PHE A 265 -0.09 12.41 -12.84
N ASP A 266 0.48 12.62 -14.03
CA ASP A 266 1.76 11.97 -14.34
C ASP A 266 2.87 12.47 -13.42
N LEU A 267 2.86 13.76 -13.10
CA LEU A 267 3.88 14.33 -12.23
C LEU A 267 3.74 13.81 -10.80
N LEU A 268 2.50 13.64 -10.33
CA LEU A 268 2.29 13.08 -8.99
C LEU A 268 2.80 11.65 -8.92
N LYS A 269 2.48 10.83 -9.93
CA LYS A 269 2.94 9.45 -9.95
C LYS A 269 4.46 9.38 -10.10
N GLU A 270 5.03 10.26 -10.92
CA GLU A 270 6.48 10.27 -11.12
C GLU A 270 7.22 10.54 -9.82
N LYS A 271 6.69 11.44 -8.99
CA LYS A 271 7.35 11.85 -7.77
C LYS A 271 6.87 11.11 -6.53
N GLY A 272 5.97 10.14 -6.69
CA GLY A 272 5.51 9.35 -5.55
C GLY A 272 4.78 10.16 -4.49
N LYS A 273 4.00 11.16 -4.91
CA LYS A 273 3.26 12.01 -3.99
C LYS A 273 1.77 11.70 -4.08
N THR A 274 1.08 11.94 -2.98
CA THR A 274 -0.37 11.85 -2.92
C THR A 274 -0.94 13.24 -2.70
N ILE A 275 -2.20 13.41 -3.09
CA ILE A 275 -2.87 14.69 -3.01
C ILE A 275 -4.28 14.47 -2.49
N THR A 276 -4.78 15.47 -1.76
CA THR A 276 -6.19 15.54 -1.37
C THR A 276 -6.70 16.94 -1.69
N ALA A 277 -7.98 17.17 -1.43
CA ALA A 277 -8.55 18.48 -1.70
C ALA A 277 -9.75 18.71 -0.79
N ALA A 278 -10.01 19.99 -0.54
CA ALA A 278 -11.26 20.47 0.03
C ALA A 278 -11.82 21.51 -0.93
N GLU A 279 -12.97 21.20 -1.52
CA GLU A 279 -13.57 22.04 -2.56
C GLU A 279 -14.88 22.64 -2.08
N SER A 280 -15.08 23.92 -2.37
CA SER A 280 -16.36 24.56 -2.14
C SER A 280 -16.98 24.83 -3.51
N LEU A 281 -16.67 25.96 -4.15
CA LEU A 281 -17.41 26.35 -5.36
C LEU A 281 -17.28 25.32 -6.47
N THR A 282 -16.13 24.64 -6.57
CA THR A 282 -15.98 23.61 -7.60
C THR A 282 -16.75 22.35 -7.24
N ALA A 283 -16.97 22.11 -5.94
CA ALA A 283 -17.91 21.10 -5.45
C ALA A 283 -17.61 19.70 -5.96
N GLY A 284 -16.35 19.39 -6.20
CA GLY A 284 -15.93 18.05 -6.58
C GLY A 284 -15.30 17.94 -7.95
N LEU A 285 -15.32 18.99 -8.77
CA LEU A 285 -14.78 18.90 -10.11
C LEU A 285 -13.28 18.62 -10.10
N PHE A 286 -12.55 19.17 -9.12
CA PHE A 286 -11.11 18.94 -9.07
C PHE A 286 -10.79 17.48 -8.82
N GLN A 287 -11.40 16.89 -7.80
CA GLN A 287 -11.13 15.50 -7.47
C GLN A 287 -11.70 14.56 -8.52
N ALA A 288 -12.82 14.93 -9.14
CA ALA A 288 -13.39 14.11 -10.21
C ALA A 288 -12.44 14.03 -11.40
N ARG A 289 -11.72 15.13 -11.69
CA ARG A 289 -10.75 15.10 -12.79
C ARG A 289 -9.58 14.20 -12.44
N LEU A 290 -9.18 14.16 -11.17
CA LEU A 290 -8.13 13.23 -10.74
C LEU A 290 -8.51 11.79 -11.07
N ALA A 291 -9.76 11.41 -10.78
CA ALA A 291 -10.21 10.05 -10.99
C ALA A 291 -10.42 9.71 -12.46
N ASP A 292 -10.31 10.68 -13.36
CA ASP A 292 -10.42 10.40 -14.79
C ASP A 292 -9.34 9.45 -15.27
N PHE A 293 -8.21 9.38 -14.57
CA PHE A 293 -7.04 8.65 -15.04
C PHE A 293 -6.90 7.33 -14.29
N ALA A 294 -6.68 6.26 -15.04
CA ALA A 294 -6.48 4.95 -14.42
C ALA A 294 -5.27 4.98 -13.50
N GLY A 295 -5.40 4.30 -12.36
CA GLY A 295 -4.35 4.33 -11.37
C GLY A 295 -4.38 5.55 -10.47
N ALA A 296 -5.45 6.35 -10.51
CA ALA A 296 -5.54 7.52 -9.65
C ALA A 296 -5.48 7.15 -8.18
N SER A 297 -5.88 5.92 -7.84
CA SER A 297 -5.85 5.49 -6.44
C SER A 297 -4.43 5.47 -5.88
N ASP A 298 -3.41 5.42 -6.73
CA ASP A 298 -2.04 5.50 -6.25
C ASP A 298 -1.67 6.90 -5.78
N ILE A 299 -2.34 7.93 -6.27
CA ILE A 299 -2.02 9.32 -5.92
C ILE A 299 -3.15 10.03 -5.19
N PHE A 300 -4.31 9.40 -5.05
CA PHE A 300 -5.48 10.08 -4.47
C PHE A 300 -6.25 9.08 -3.62
N LYS A 301 -6.42 9.40 -2.35
CA LYS A 301 -7.14 8.54 -1.42
C LYS A 301 -8.51 9.09 -1.03
N GLY A 302 -8.79 10.35 -1.36
CA GLY A 302 -10.08 10.93 -1.02
C GLY A 302 -9.96 12.38 -0.59
N GLY A 303 -11.10 13.01 -0.34
CA GLY A 303 -11.09 14.41 0.07
C GLY A 303 -12.47 14.86 0.48
N PHE A 304 -12.65 16.19 0.47
CA PHE A 304 -13.81 16.81 1.08
C PHE A 304 -14.46 17.81 0.13
N ILE A 305 -15.78 17.89 0.21
CA ILE A 305 -16.58 18.92 -0.46
CA ILE A 305 -16.55 18.94 -0.46
C ILE A 305 -17.21 19.75 0.66
N THR A 306 -16.62 20.91 0.95
CA THR A 306 -17.08 21.77 2.03
C THR A 306 -17.81 22.95 1.41
N TYR A 307 -19.06 22.70 1.03
CA TYR A 307 -19.85 23.66 0.28
C TYR A 307 -20.44 24.76 1.14
N SER A 308 -20.65 24.50 2.44
CA SER A 308 -21.19 25.49 3.37
C SER A 308 -20.08 25.98 4.30
N ILE A 309 -20.36 27.07 5.01
CA ILE A 309 -19.43 27.50 6.04
C ILE A 309 -19.46 26.53 7.22
N GLU A 310 -20.64 25.98 7.52
CA GLU A 310 -20.74 25.03 8.63
C GLU A 310 -19.91 23.77 8.37
N GLU A 311 -19.88 23.31 7.12
CA GLU A 311 -19.14 22.09 6.83
C GLU A 311 -17.65 22.36 6.64
N LYS A 312 -17.28 23.57 6.23
CA LYS A 312 -15.87 23.95 6.31
C LYS A 312 -15.37 23.83 7.73
N ALA A 313 -16.14 24.31 8.70
CA ALA A 313 -15.75 24.24 10.10
C ALA A 313 -15.83 22.82 10.63
N ARG A 314 -16.95 22.16 10.39
CA ARG A 314 -17.17 20.81 10.92
C ARG A 314 -16.26 19.72 10.34
N LEU A 316 -13.47 19.97 8.57
CA LEU A 316 -12.04 20.25 8.58
C LEU A 316 -11.52 20.72 9.94
N GLY A 317 -12.39 21.09 10.87
CA GLY A 317 -11.93 21.53 12.18
C GLY A 317 -11.43 22.96 12.22
N ILE A 318 -11.95 23.84 11.37
CA ILE A 318 -11.59 25.25 11.36
C ILE A 318 -12.55 26.00 12.27
N PRO A 319 -12.07 26.88 13.14
CA PRO A 319 -12.98 27.60 14.05
C PRO A 319 -14.03 28.38 13.27
N PHE A 320 -15.29 28.20 13.68
CA PHE A 320 -16.41 28.77 12.94
C PHE A 320 -16.35 30.29 12.90
N GLU A 321 -15.97 30.88 14.03
CA GLU A 321 -15.86 32.33 14.14
C GLU A 321 -14.81 32.87 13.18
N ASP A 322 -13.68 32.16 13.09
CA ASP A 322 -12.60 32.59 12.20
C ASP A 322 -13.07 32.62 10.75
N LEU A 323 -13.80 31.58 10.33
CA LEU A 323 -14.37 31.57 8.99
C LEU A 323 -15.35 32.72 8.80
N GLN A 324 -16.20 32.94 9.80
CA GLN A 324 -17.15 34.07 9.74
C GLN A 324 -16.42 35.40 9.68
N LEU A 325 -15.38 35.56 10.50
CA LEU A 325 -14.66 36.83 10.56
C LEU A 325 -13.95 37.13 9.24
N HIS A 326 -13.12 36.19 8.77
CA HIS A 326 -12.36 36.43 7.55
C HIS A 326 -13.18 36.23 6.29
N GLY A 327 -14.29 35.53 6.37
CA GLY A 327 -15.05 35.20 5.18
C GLY A 327 -14.54 33.93 4.52
N VAL A 328 -15.47 33.23 3.86
CA VAL A 328 -15.08 31.98 3.19
C VAL A 328 -14.29 32.29 1.91
N VAL A 329 -14.47 33.46 1.32
CA VAL A 329 -13.72 33.86 0.13
C VAL A 329 -12.58 34.73 0.64
N SER A 330 -11.48 34.08 1.03
CA SER A 330 -10.34 34.77 1.61
C SER A 330 -9.13 33.85 1.54
N ALA A 331 -7.95 34.47 1.59
CA ALA A 331 -6.72 33.68 1.65
C ALA A 331 -6.65 32.87 2.94
N PHE A 332 -7.08 33.46 4.05
CA PHE A 332 -7.11 32.75 5.33
C PHE A 332 -7.88 31.44 5.22
N THR A 333 -9.10 31.50 4.68
CA THR A 333 -9.94 30.31 4.61
C THR A 333 -9.37 29.30 3.62
N ALA A 334 -8.80 29.77 2.51
CA ALA A 334 -8.15 28.86 1.56
C ALA A 334 -6.99 28.13 2.20
N GLU A 335 -6.17 28.84 2.97
CA GLU A 335 -5.02 28.23 3.61
C GLU A 335 -5.45 27.22 4.68
N LYS A 336 -6.52 27.51 5.41
CA LYS A 336 -6.95 26.63 6.49
C LYS A 336 -7.57 25.35 5.95
N ALA A 338 -6.87 23.90 3.12
CA ALA A 338 -5.80 23.09 2.58
C ALA A 338 -4.97 22.45 3.69
N GLU A 339 -4.58 23.24 4.69
CA GLU A 339 -3.77 22.72 5.79
C GLU A 339 -4.51 21.63 6.55
N ARG A 340 -5.80 21.85 6.84
CA ARG A 340 -6.54 20.88 7.65
C ARG A 340 -6.86 19.62 6.85
N SER A 341 -7.21 19.76 5.57
CA SER A 341 -7.47 18.56 4.78
C SER A 341 -6.20 17.74 4.58
N ARG A 342 -5.04 18.40 4.46
CA ARG A 342 -3.79 17.65 4.45
C ARG A 342 -3.58 16.92 5.76
N GLN A 343 -3.82 17.60 6.88
CA GLN A 343 -3.57 16.98 8.18
C GLN A 343 -4.54 15.85 8.48
N LEU A 344 -5.78 15.93 7.97
CA LEU A 344 -6.75 14.88 8.23
C LEU A 344 -6.49 13.64 7.37
N THR A 345 -5.93 13.80 6.18
CA THR A 345 -5.63 12.68 5.29
C THR A 345 -4.17 12.27 5.31
N GLN A 346 -3.28 13.15 5.80
CA GLN A 346 -1.83 12.96 5.70
C GLN A 346 -1.37 12.71 4.27
N ALA A 347 -2.08 13.28 3.30
CA ALA A 347 -1.55 13.32 1.95
C ALA A 347 -0.33 14.24 1.90
N ASP A 348 0.49 14.05 0.87
CA ASP A 348 1.66 14.91 0.72
C ASP A 348 1.25 16.34 0.40
N LEU A 349 0.22 16.52 -0.43
CA LEU A 349 -0.24 17.83 -0.85
C LEU A 349 -1.74 17.93 -0.68
N ALA A 350 -2.23 19.14 -0.41
CA ALA A 350 -3.66 19.41 -0.34
C ALA A 350 -3.97 20.70 -1.07
N ILE A 351 -5.01 20.66 -1.90
CA ILE A 351 -5.51 21.82 -2.62
C ILE A 351 -6.83 22.24 -2.00
N SER A 352 -7.08 23.55 -1.94
CA SER A 352 -8.39 24.05 -1.56
C SER A 352 -8.86 25.05 -2.62
N LEU A 353 -10.18 25.13 -2.77
CA LEU A 353 -10.80 26.03 -3.75
C LEU A 353 -12.02 26.69 -3.12
N THR A 354 -11.97 28.01 -2.96
CA THR A 354 -13.09 28.78 -2.44
C THR A 354 -13.18 30.10 -3.18
N GLY A 355 -14.38 30.45 -3.63
CA GLY A 355 -14.52 31.66 -4.40
C GLY A 355 -15.95 31.89 -4.82
N VAL A 356 -16.11 32.82 -5.75
CA VAL A 356 -17.41 33.33 -6.18
C VAL A 356 -17.67 32.84 -7.59
N ALA A 357 -18.57 31.86 -7.72
CA ALA A 357 -18.92 31.35 -9.05
C ALA A 357 -19.67 32.39 -9.88
N GLY A 358 -20.42 33.28 -9.23
CA GLY A 358 -21.14 34.33 -9.92
C GLY A 358 -22.56 33.94 -10.25
N PRO A 359 -23.31 34.86 -10.89
CA PRO A 359 -22.86 36.21 -11.27
C PRO A 359 -22.89 37.20 -10.10
N ASP A 360 -23.63 36.86 -9.03
CA ASP A 360 -23.68 37.75 -7.87
C ASP A 360 -22.34 37.76 -7.15
N SER A 361 -21.99 38.93 -6.61
CA SER A 361 -20.84 38.99 -5.73
C SER A 361 -21.13 38.21 -4.44
N LEU A 362 -20.07 37.87 -3.72
CA LEU A 362 -20.19 37.15 -2.46
C LEU A 362 -19.21 37.75 -1.47
N GLU A 363 -19.72 38.15 -0.30
CA GLU A 363 -18.92 38.81 0.73
C GLU A 363 -18.20 40.04 0.19
N GLY A 364 -18.84 40.75 -0.73
CA GLY A 364 -18.21 41.89 -1.35
C GLY A 364 -17.15 41.56 -2.38
N GLN A 365 -16.97 40.27 -2.72
CA GLN A 365 -16.00 39.83 -3.72
C GLN A 365 -16.68 39.61 -5.06
N PRO A 366 -16.17 40.17 -6.14
CA PRO A 366 -16.86 40.05 -7.43
C PRO A 366 -16.81 38.64 -7.99
N ALA A 367 -17.74 38.38 -8.92
CA ALA A 367 -17.79 37.10 -9.60
C ALA A 367 -16.45 36.75 -10.23
N GLY A 368 -16.03 35.51 -10.06
CA GLY A 368 -14.76 35.04 -10.58
C GLY A 368 -13.59 35.17 -9.62
N THR A 369 -13.79 35.80 -8.46
CA THR A 369 -12.75 35.85 -7.44
C THR A 369 -12.61 34.48 -6.79
N VAL A 370 -11.43 33.89 -6.88
CA VAL A 370 -11.19 32.55 -6.35
C VAL A 370 -9.86 32.55 -5.59
N PHE A 371 -9.87 31.97 -4.39
CA PHE A 371 -8.66 31.72 -3.63
C PHE A 371 -8.38 30.23 -3.65
N ILE A 372 -7.14 29.87 -3.97
CA ILE A 372 -6.72 28.48 -4.10
C ILE A 372 -5.57 28.25 -3.12
N GLY A 373 -5.82 27.44 -2.11
CA GLY A 373 -4.79 27.10 -1.15
C GLY A 373 -4.02 25.86 -1.56
N LEU A 374 -2.78 25.78 -1.10
CA LEU A 374 -1.96 24.60 -1.27
C LEU A 374 -1.15 24.40 0.01
N SER A 375 -1.16 23.18 0.53
CA SER A 375 -0.45 22.88 1.76
C SER A 375 0.38 21.62 1.57
N SER A 376 1.63 21.71 2.01
CA SER A 376 2.51 20.55 2.20
C SER A 376 3.03 20.60 3.62
N SER A 377 3.84 19.61 3.99
CA SER A 377 4.44 19.63 5.32
C SER A 377 5.43 20.78 5.48
N LYS A 378 5.97 21.30 4.38
CA LYS A 378 6.93 22.40 4.45
C LYS A 378 6.27 23.77 4.50
N ARG A 379 5.18 23.98 3.76
CA ARG A 379 4.61 25.30 3.65
C ARG A 379 3.13 25.21 3.32
N THR A 380 2.39 26.23 3.73
CA THR A 380 1.00 26.43 3.37
C THR A 380 0.86 27.83 2.80
N ALA A 382 -1.52 30.41 -0.44
CA ALA A 382 -2.71 30.54 -1.26
C ALA A 382 -2.45 31.57 -2.34
N ILE A 383 -3.06 31.35 -3.51
CA ILE A 383 -3.05 32.33 -4.58
C ILE A 383 -4.46 32.90 -4.73
N LYS A 384 -4.52 34.10 -5.28
CA LYS A 384 -5.77 34.77 -5.60
C LYS A 384 -5.85 34.93 -7.11
N VAL A 385 -6.93 34.42 -7.71
CA VAL A 385 -7.15 34.55 -9.14
C VAL A 385 -8.50 35.22 -9.36
N LEU A 386 -8.61 35.96 -10.46
CA LEU A 386 -9.86 36.59 -10.87
C LEU A 386 -10.24 36.04 -12.23
N ILE A 387 -11.35 35.31 -12.28
CA ILE A 387 -11.86 34.77 -13.52
C ILE A 387 -13.09 35.58 -13.91
N GLY A 388 -12.87 36.84 -14.31
CA GLY A 388 -13.97 37.73 -14.59
C GLY A 388 -14.59 37.53 -15.95
N GLY A 389 -15.85 37.94 -16.07
CA GLY A 389 -16.56 37.87 -17.33
C GLY A 389 -16.95 36.48 -17.79
N ARG A 390 -17.05 35.51 -16.88
CA ARG A 390 -17.33 34.14 -17.25
C ARG A 390 -18.58 33.62 -16.54
N SER A 391 -19.21 32.64 -17.19
CA SER A 391 -20.38 31.96 -16.64
C SER A 391 -20.02 31.23 -15.34
N ARG A 392 -21.05 30.78 -14.64
CA ARG A 392 -20.86 29.96 -13.44
C ARG A 392 -20.05 28.72 -13.76
N SER A 393 -20.44 27.98 -14.80
CA SER A 393 -19.74 26.74 -15.14
C SER A 393 -18.32 27.01 -15.61
N ASP A 394 -18.09 28.13 -16.30
CA ASP A 394 -16.75 28.42 -16.78
C ASP A 394 -15.82 28.85 -15.65
N VAL A 395 -16.34 29.59 -14.66
CA VAL A 395 -15.53 29.96 -13.51
C VAL A 395 -15.08 28.71 -12.76
N ARG A 396 -16.02 27.80 -12.50
CA ARG A 396 -15.68 26.57 -11.79
C ARG A 396 -14.67 25.74 -12.58
N TYR A 397 -14.90 25.60 -13.89
CA TYR A 397 -13.99 24.81 -14.73
C TYR A 397 -12.60 25.44 -14.76
N ILE A 398 -12.53 26.75 -14.95
CA ILE A 398 -11.23 27.43 -15.05
C ILE A 398 -10.53 27.44 -13.69
N ALA A 399 -11.28 27.52 -12.60
CA ALA A 399 -10.67 27.47 -11.28
C ALA A 399 -9.97 26.14 -11.05
N VAL A 400 -10.56 25.05 -11.55
CA VAL A 400 -9.93 23.74 -11.44
C VAL A 400 -8.57 23.74 -12.13
N LEU A 401 -8.48 24.36 -13.30
CA LEU A 401 -7.21 24.40 -14.02
C LEU A 401 -6.17 25.23 -13.28
N HIS A 402 -6.58 26.37 -12.72
CA HIS A 402 -5.67 27.15 -11.89
C HIS A 402 -5.12 26.32 -10.74
N ALA A 403 -5.98 25.50 -10.13
CA ALA A 403 -5.54 24.65 -9.03
C ALA A 403 -4.54 23.59 -9.50
N PHE A 404 -4.82 22.96 -10.64
CA PHE A 404 -3.90 21.96 -11.17
C PHE A 404 -2.57 22.61 -11.56
N ASN A 405 -2.62 23.82 -12.12
CA ASN A 405 -1.38 24.49 -12.51
C ASN A 405 -0.54 24.85 -11.28
N LEU A 406 -1.19 25.21 -10.17
CA LEU A 406 -0.46 25.49 -8.95
C LEU A 406 0.24 24.24 -8.42
N VAL A 407 -0.43 23.09 -8.52
CA VAL A 407 0.22 21.83 -8.14
C VAL A 407 1.40 21.54 -9.06
N ARG A 408 1.21 21.77 -10.37
CA ARG A 408 2.28 21.53 -11.34
C ARG A 408 3.52 22.35 -11.02
N GLN A 409 3.34 23.66 -10.79
CA GLN A 409 4.47 24.53 -10.49
C GLN A 409 5.19 24.09 -9.22
N THR A 410 4.43 23.66 -8.21
CA THR A 410 5.04 23.24 -6.95
C THR A 410 5.85 21.97 -7.13
N LEU A 411 5.33 21.02 -7.92
CA LEU A 411 6.05 19.76 -8.13
C LEU A 411 7.28 19.96 -9.02
N LEU A 412 7.22 20.88 -9.98
CA LEU A 412 8.36 21.13 -10.84
C LEU A 412 9.40 22.03 -10.19
N SER A 413 9.03 22.77 -9.15
CA SER A 413 9.98 23.64 -8.50
C SER A 413 11.08 22.80 -7.88
N HIS A 414 12.31 23.29 -7.95
CA HIS A 414 13.42 22.54 -7.40
C HIS A 414 13.72 22.98 -5.95
N LYS A 415 12.73 23.50 -5.20
CA LYS A 415 12.96 24.24 -3.95
C LYS A 415 12.49 23.51 -2.70
N ASN A 416 12.37 22.19 -2.73
CA ASN A 416 12.00 21.41 -1.55
C ASN A 416 10.63 21.81 -1.01
N LEU A 417 9.66 21.94 -1.92
CA LEU A 417 8.36 22.48 -1.55
C LEU A 417 7.37 21.43 -1.07
N VAL A 418 7.68 20.14 -1.24
CA VAL A 418 6.75 19.08 -0.85
C VAL A 418 7.36 18.21 0.23
N GLU B 174 7.13 -30.36 47.36
CA GLU B 174 6.91 -29.49 46.21
C GLU B 174 6.18 -28.20 46.58
N LYS B 175 6.62 -27.11 45.97
CA LYS B 175 6.04 -25.80 46.19
C LYS B 175 5.42 -25.30 44.90
N LEU B 176 4.31 -24.58 45.02
CA LEU B 176 3.61 -24.06 43.85
C LEU B 176 4.08 -22.64 43.56
N TYR B 177 4.46 -22.40 42.31
CA TYR B 177 4.91 -21.09 41.85
C TYR B 177 3.99 -20.61 40.73
N SER B 178 3.45 -19.41 40.88
CA SER B 178 2.45 -18.87 39.97
C SER B 178 2.94 -17.59 39.31
N ARG B 179 2.32 -17.28 38.18
CA ARG B 179 2.55 -16.02 37.48
C ARG B 179 1.24 -15.62 36.81
N VAL B 180 0.85 -14.36 36.99
CA VAL B 180 -0.40 -13.84 36.45
C VAL B 180 -0.07 -12.82 35.38
N LEU B 181 -0.52 -13.07 34.16
CA LEU B 181 -0.40 -12.12 33.06
C LEU B 181 -1.69 -11.33 32.95
N ARG B 182 -1.58 -10.02 32.75
CA ARG B 182 -2.72 -9.12 32.75
C ARG B 182 -2.85 -8.47 31.38
N PHE B 183 -4.07 -8.44 30.85
CA PHE B 183 -4.35 -7.95 29.50
C PHE B 183 -5.46 -6.92 29.54
N PHE B 184 -5.34 -5.91 28.68
CA PHE B 184 -6.41 -4.93 28.47
C PHE B 184 -6.63 -4.74 26.97
N GLY B 185 -7.91 -4.60 26.59
CA GLY B 185 -8.26 -4.38 25.21
C GLY B 185 -8.76 -5.60 24.47
N ILE B 186 -8.81 -6.76 25.13
CA ILE B 186 -9.32 -7.99 24.54
C ILE B 186 -10.25 -8.64 25.55
N GLY B 187 -11.36 -9.19 25.07
CA GLY B 187 -12.33 -9.83 25.94
C GLY B 187 -12.00 -11.28 26.20
N GLU B 188 -12.72 -11.86 27.16
CA GLU B 188 -12.48 -13.25 27.55
C GLU B 188 -12.71 -14.20 26.36
N SER B 189 -13.81 -14.01 25.64
CA SER B 189 -14.14 -14.91 24.54
C SER B 189 -13.02 -14.94 23.50
N HIS B 190 -12.53 -13.76 23.10
CA HIS B 190 -11.51 -13.69 22.06
C HIS B 190 -10.18 -14.22 22.56
N LEU B 191 -9.82 -13.93 23.82
CA LEU B 191 -8.56 -14.40 24.36
C LEU B 191 -8.53 -15.93 24.44
N VAL B 192 -9.60 -16.53 24.98
CA VAL B 192 -9.66 -17.98 25.09
C VAL B 192 -9.63 -18.62 23.72
N THR B 193 -10.22 -17.97 22.71
CA THR B 193 -10.18 -18.49 21.36
C THR B 193 -8.76 -18.51 20.82
N LEU B 194 -8.02 -17.42 21.03
CA LEU B 194 -6.63 -17.36 20.57
C LEU B 194 -5.77 -18.39 21.29
N LEU B 195 -6.10 -18.70 22.54
CA LEU B 195 -5.33 -19.64 23.35
C LEU B 195 -5.82 -21.07 23.26
N HIS B 196 -6.83 -21.33 22.43
CA HIS B 196 -7.45 -22.66 22.42
C HIS B 196 -6.42 -23.75 22.15
N ASP B 197 -5.63 -23.59 21.07
CA ASP B 197 -4.65 -24.61 20.73
C ASP B 197 -3.62 -24.79 21.84
N LEU B 198 -3.12 -23.70 22.40
CA LEU B 198 -2.12 -23.82 23.45
C LEU B 198 -2.71 -24.48 24.70
N ILE B 199 -3.93 -24.09 25.07
CA ILE B 199 -4.55 -24.64 26.28
C ILE B 199 -4.85 -26.13 26.10
N ALA B 200 -5.30 -26.52 24.91
CA ALA B 200 -5.62 -27.93 24.68
C ALA B 200 -4.38 -28.83 24.73
N GLU B 201 -3.21 -28.23 24.49
CA GLU B 201 -1.94 -28.97 24.51
C GLU B 201 -1.04 -28.69 25.73
N GLN B 202 -1.52 -27.89 26.68
CA GLN B 202 -0.73 -27.55 27.86
C GLN B 202 -1.12 -28.42 29.05
N THR B 203 -0.14 -29.09 29.64
CA THR B 203 -0.31 -29.80 30.90
C THR B 203 0.50 -29.20 32.04
N ASP B 204 1.76 -28.83 31.79
CA ASP B 204 2.59 -28.20 32.80
C ASP B 204 3.58 -27.24 32.14
N PRO B 205 3.58 -25.95 32.52
CA PRO B 205 2.72 -25.31 33.53
C PRO B 205 1.25 -25.28 33.15
N THR B 206 0.37 -25.09 34.14
CA THR B 206 -1.04 -24.97 33.84
C THR B 206 -1.32 -23.62 33.20
N ILE B 207 -2.51 -23.51 32.61
CA ILE B 207 -2.99 -22.24 32.05
C ILE B 207 -4.44 -22.06 32.47
N ALA B 208 -4.74 -20.91 33.09
CA ALA B 208 -6.10 -20.61 33.52
C ALA B 208 -6.46 -19.17 33.19
N PRO B 209 -7.38 -18.94 32.27
CA PRO B 209 -7.84 -17.58 32.00
C PRO B 209 -8.92 -17.14 32.97
N TYR B 210 -8.92 -15.85 33.28
CA TYR B 210 -9.94 -15.26 34.14
C TYR B 210 -10.30 -13.88 33.60
N ALA B 211 -11.53 -13.47 33.86
CA ALA B 211 -12.04 -12.21 33.36
C ALA B 211 -12.81 -11.49 34.44
N LYS B 212 -12.73 -10.16 34.41
CA LYS B 212 -13.59 -9.29 35.20
C LYS B 212 -13.86 -8.04 34.37
N THR B 213 -14.66 -7.13 34.93
CA THR B 213 -15.01 -5.93 34.20
C THR B 213 -13.77 -5.15 33.83
N GLY B 214 -13.52 -5.01 32.52
CA GLY B 214 -12.48 -4.15 32.01
C GLY B 214 -11.21 -4.86 31.56
N GLU B 215 -10.98 -6.09 32.00
CA GLU B 215 -9.70 -6.73 31.70
C GLU B 215 -9.83 -8.25 31.83
N VAL B 216 -8.78 -8.94 31.40
CA VAL B 216 -8.68 -10.40 31.50
C VAL B 216 -7.27 -10.74 31.95
N THR B 217 -7.14 -11.90 32.60
CA THR B 217 -5.86 -12.38 33.09
C THR B 217 -5.66 -13.84 32.73
N ILE B 218 -4.40 -14.27 32.74
CA ILE B 218 -4.03 -15.67 32.59
C ILE B 218 -3.11 -16.01 33.75
N ARG B 219 -3.48 -17.03 34.53
CA ARG B 219 -2.60 -17.53 35.59
C ARG B 219 -1.91 -18.80 35.13
N LEU B 220 -0.60 -18.85 35.31
CA LEU B 220 0.20 -20.02 35.03
C LEU B 220 0.65 -20.61 36.36
N SER B 221 0.51 -21.93 36.52
CA SER B 221 0.98 -22.64 37.70
C SER B 221 1.96 -23.71 37.26
N THR B 222 3.09 -23.80 37.96
CA THR B 222 3.98 -24.93 37.80
C THR B 222 4.61 -25.24 39.15
N LYS B 223 4.98 -26.50 39.34
CA LYS B 223 5.53 -26.94 40.62
C LYS B 223 7.02 -27.21 40.48
N ALA B 224 7.75 -26.89 41.54
CA ALA B 224 9.18 -27.01 41.67
C ALA B 224 9.48 -26.58 43.10
N HIS B 225 10.68 -26.89 43.58
CA HIS B 225 11.12 -26.41 44.88
C HIS B 225 12.20 -25.35 44.76
N ARG B 226 12.20 -24.66 43.62
CA ARG B 226 13.14 -23.58 43.33
C ARG B 226 12.48 -22.70 42.26
N GLN B 227 12.76 -21.40 42.25
CA GLN B 227 12.12 -20.53 41.26
C GLN B 227 12.87 -20.56 39.93
N LYS B 228 14.21 -20.57 39.96
CA LYS B 228 14.96 -20.56 38.71
C LYS B 228 14.54 -21.70 37.79
N GLU B 229 14.07 -22.79 38.38
CA GLU B 229 13.56 -23.93 37.63
C GLU B 229 12.12 -23.64 37.23
N ALA B 230 11.36 -23.06 38.16
CA ALA B 230 9.97 -22.70 37.89
C ALA B 230 9.86 -21.52 36.93
N ASP B 231 10.63 -20.46 37.20
CA ASP B 231 10.62 -19.27 36.36
C ASP B 231 11.06 -19.57 34.93
N SER B 232 11.94 -20.57 34.75
CA SER B 232 12.42 -20.92 33.43
C SER B 232 11.30 -21.55 32.59
N LYS B 233 10.46 -22.38 33.20
CA LYS B 233 9.34 -22.94 32.44
C LYS B 233 8.13 -22.01 32.43
N LEU B 234 7.96 -21.19 33.47
CA LEU B 234 6.96 -20.13 33.37
C LEU B 234 7.34 -19.14 32.28
N ASP B 235 8.63 -18.88 32.09
CA ASP B 235 9.07 -17.98 31.02
C ASP B 235 8.73 -18.55 29.66
N LYS B 236 8.96 -19.85 29.44
CA LYS B 236 8.69 -20.42 28.13
C LYS B 236 7.20 -20.48 27.84
N LEU B 237 6.36 -20.69 28.84
CA LEU B 237 4.93 -20.63 28.58
C LEU B 237 4.50 -19.21 28.27
N GLU B 238 5.11 -18.22 28.94
CA GLU B 238 4.73 -16.84 28.72
C GLU B 238 5.06 -16.38 27.31
N LYS B 239 6.25 -16.75 26.83
CA LYS B 239 6.69 -16.35 25.49
C LYS B 239 5.75 -16.91 24.43
N LYS B 240 5.36 -18.17 24.59
CA LYS B 240 4.41 -18.79 23.67
C LYS B 240 3.09 -18.03 23.64
N ILE B 241 2.66 -17.52 24.79
CA ILE B 241 1.40 -16.80 24.88
C ILE B 241 1.52 -15.44 24.21
N ILE B 242 2.56 -14.68 24.56
CA ILE B 242 2.68 -13.30 24.08
C ILE B 242 2.95 -13.24 22.57
N THR B 243 3.54 -14.28 21.99
CA THR B 243 3.77 -14.27 20.54
C THR B 243 2.51 -14.58 19.74
N ILE B 244 1.43 -14.98 20.38
CA ILE B 244 0.19 -15.28 19.67
C ILE B 244 -0.48 -13.98 19.27
N ASP B 245 -0.64 -13.77 17.96
CA ASP B 245 -1.49 -12.71 17.40
C ASP B 245 -0.99 -11.36 17.92
N ASN B 246 -1.86 -10.50 18.44
CA ASN B 246 -1.49 -9.20 18.97
C ASN B 246 -1.54 -9.15 20.49
N LEU B 247 -1.42 -10.32 21.14
CA LEU B 247 -1.52 -10.35 22.60
C LEU B 247 -0.45 -9.49 23.26
N ALA B 248 0.67 -9.27 22.57
CA ALA B 248 1.67 -8.33 23.07
C ALA B 248 1.10 -6.92 23.17
N ASP B 249 0.18 -6.56 22.28
CA ASP B 249 -0.44 -5.23 22.34
C ASP B 249 -1.36 -5.10 23.55
N TYR B 250 -1.92 -6.21 24.03
CA TYR B 250 -2.88 -6.16 25.13
C TYR B 250 -2.26 -6.45 26.48
N PHE B 251 -1.11 -7.12 26.53
CA PHE B 251 -0.45 -7.41 27.80
C PHE B 251 0.11 -6.12 28.39
N TYR B 252 -0.20 -5.86 29.66
CA TYR B 252 0.26 -4.63 30.31
C TYR B 252 1.03 -4.85 31.60
N GLY B 253 1.00 -6.03 32.20
CA GLY B 253 1.77 -6.23 33.41
C GLY B 253 1.48 -7.58 34.06
N TYR B 254 2.09 -7.77 35.23
CA TYR B 254 2.01 -9.01 36.00
C TYR B 254 1.40 -8.74 37.37
N GLY B 255 0.98 -9.82 38.02
CA GLY B 255 0.62 -9.73 39.43
C GLY B 255 -0.86 -9.94 39.69
N GLU B 256 -1.15 -10.72 40.73
CA GLU B 256 -2.53 -10.98 41.11
C GLU B 256 -3.22 -9.70 41.60
N GLU B 257 -2.49 -8.85 42.31
CA GLU B 257 -3.05 -7.65 42.92
C GLU B 257 -2.84 -6.40 42.08
N ASN B 258 -2.29 -6.54 40.88
CA ASN B 258 -1.94 -5.39 40.06
C ASN B 258 -3.16 -4.86 39.31
N SER B 259 -2.97 -3.71 38.65
CA SER B 259 -4.03 -3.05 37.91
C SER B 259 -3.40 -2.18 36.84
N LEU B 260 -4.21 -1.85 35.84
CA LEU B 260 -3.76 -0.93 34.81
C LEU B 260 -3.48 0.47 35.34
N PRO B 261 -4.33 1.08 36.20
CA PRO B 261 -3.94 2.37 36.80
C PRO B 261 -2.67 2.29 37.61
N GLN B 262 -2.44 1.20 38.35
CA GLN B 262 -1.20 1.06 39.10
C GLN B 262 0.01 1.05 38.18
N VAL B 263 -0.09 0.33 37.06
CA VAL B 263 1.02 0.26 36.10
C VAL B 263 1.25 1.64 35.48
N VAL B 264 0.18 2.34 35.12
CA VAL B 264 0.33 3.66 34.50
C VAL B 264 0.83 4.67 35.52
N PHE B 265 0.37 4.56 36.78
CA PHE B 265 0.85 5.44 37.82
C PHE B 265 2.36 5.32 37.99
N ASP B 266 2.86 4.07 38.08
CA ASP B 266 4.29 3.85 38.22
C ASP B 266 5.06 4.37 37.01
N LEU B 267 4.47 4.23 35.83
CA LEU B 267 5.13 4.71 34.61
C LEU B 267 5.26 6.22 34.61
N LEU B 268 4.23 6.93 35.05
CA LEU B 268 4.30 8.38 35.12
C LEU B 268 5.38 8.83 36.09
N LYS B 269 5.47 8.17 37.25
CA LYS B 269 6.54 8.49 38.20
C LYS B 269 7.91 8.18 37.60
N GLU B 270 8.04 7.01 36.97
CA GLU B 270 9.32 6.60 36.43
C GLU B 270 9.83 7.56 35.36
N LYS B 271 8.94 8.01 34.48
CA LYS B 271 9.32 8.92 33.41
C LYS B 271 9.29 10.38 33.85
N GLY B 272 8.90 10.67 35.08
CA GLY B 272 8.87 12.04 35.57
C GLY B 272 7.87 12.93 34.86
N LYS B 273 6.71 12.40 34.50
CA LYS B 273 5.69 13.14 33.77
C LYS B 273 4.51 13.44 34.68
N THR B 274 3.93 14.63 34.53
CA THR B 274 2.69 14.98 35.20
C THR B 274 1.52 14.87 34.22
N ILE B 275 0.32 14.73 34.77
CA ILE B 275 -0.87 14.51 33.97
C ILE B 275 -2.03 15.29 34.56
N THR B 276 -2.91 15.77 33.69
CA THR B 276 -4.18 16.36 34.08
C THR B 276 -5.28 15.71 33.25
N ALA B 277 -6.52 16.13 33.49
CA ALA B 277 -7.63 15.56 32.75
C ALA B 277 -8.80 16.53 32.71
N ALA B 278 -9.60 16.41 31.66
CA ALA B 278 -10.92 17.04 31.57
C ALA B 278 -11.93 15.94 31.30
N GLU B 279 -12.82 15.71 32.26
CA GLU B 279 -13.74 14.58 32.21
C GLU B 279 -15.18 15.08 32.08
N SER B 280 -15.93 14.43 31.19
CA SER B 280 -17.36 14.65 31.10
C SER B 280 -18.05 13.40 31.66
N LEU B 281 -18.30 12.37 30.84
CA LEU B 281 -19.15 11.26 31.28
C LEU B 281 -18.58 10.53 32.48
N THR B 282 -17.26 10.41 32.59
CA THR B 282 -16.69 9.75 33.75
C THR B 282 -16.76 10.64 35.00
N ALA B 283 -16.81 11.95 34.81
CA ALA B 283 -17.17 12.92 35.86
C ALA B 283 -16.25 12.86 37.07
N GLY B 284 -14.97 12.55 36.85
CA GLY B 284 -13.99 12.55 37.91
C GLY B 284 -13.45 11.19 38.30
N LEU B 285 -13.96 10.11 37.71
CA LEU B 285 -13.50 8.77 38.08
C LEU B 285 -12.05 8.56 37.67
N PHE B 286 -11.61 9.14 36.55
CA PHE B 286 -10.23 9.00 36.12
C PHE B 286 -9.27 9.65 37.12
N GLN B 287 -9.56 10.89 37.52
CA GLN B 287 -8.68 11.58 38.45
C GLN B 287 -8.79 10.99 39.86
N ALA B 288 -9.98 10.53 40.25
CA ALA B 288 -10.12 9.87 41.55
C ALA B 288 -9.31 8.58 41.60
N ARG B 289 -9.19 7.88 40.47
CA ARG B 289 -8.38 6.67 40.42
C ARG B 289 -6.89 6.99 40.56
N LEU B 290 -6.46 8.11 39.97
CA LEU B 290 -5.07 8.54 40.14
C LEU B 290 -4.74 8.75 41.61
N ALA B 291 -5.66 9.36 42.36
CA ALA B 291 -5.42 9.65 43.76
C ALA B 291 -5.48 8.41 44.65
N ASP B 292 -5.86 7.25 44.09
CA ASP B 292 -5.83 6.01 44.86
C ASP B 292 -4.43 5.64 45.29
N PHE B 293 -3.41 6.18 44.64
CA PHE B 293 -2.03 5.74 44.83
C PHE B 293 -1.26 6.79 45.63
N ALA B 294 -0.53 6.33 46.64
CA ALA B 294 0.25 7.23 47.47
C ALA B 294 1.31 7.94 46.65
N GLY B 295 1.47 9.24 46.88
CA GLY B 295 2.37 10.04 46.08
C GLY B 295 1.78 10.49 44.76
N ALA B 296 0.47 10.41 44.58
CA ALA B 296 -0.15 10.90 43.35
C ALA B 296 0.15 12.39 43.13
N SER B 297 0.36 13.14 44.22
CA SER B 297 0.65 14.56 44.10
C SER B 297 1.93 14.82 43.31
N ASP B 298 2.84 13.84 43.23
CA ASP B 298 4.05 14.01 42.44
C ASP B 298 3.73 14.11 40.95
N ILE B 299 2.68 13.44 40.48
CA ILE B 299 2.37 13.35 39.06
C ILE B 299 1.02 13.95 38.71
N PHE B 300 0.26 14.44 39.68
CA PHE B 300 -1.08 14.96 39.44
C PHE B 300 -1.29 16.21 40.29
N LYS B 301 -1.58 17.33 39.63
CA LYS B 301 -1.81 18.60 40.31
C LYS B 301 -3.26 19.03 40.31
N GLY B 302 -4.11 18.39 39.51
CA GLY B 302 -5.51 18.78 39.42
C GLY B 302 -6.04 18.73 38.01
N GLY B 303 -7.35 18.86 37.86
CA GLY B 303 -7.95 18.83 36.54
C GLY B 303 -9.38 19.33 36.60
N PHE B 304 -10.14 18.99 35.54
CA PHE B 304 -11.45 19.59 35.33
C PHE B 304 -12.51 18.51 35.14
N ILE B 305 -13.72 18.82 35.60
CA ILE B 305 -14.90 18.03 35.32
C ILE B 305 -15.84 18.92 34.53
N THR B 306 -15.86 18.74 33.21
CA THR B 306 -16.67 19.55 32.30
C THR B 306 -17.86 18.70 31.87
N TYR B 307 -18.85 18.60 32.74
CA TYR B 307 -19.99 17.72 32.53
C TYR B 307 -20.99 18.29 31.53
N SER B 308 -20.97 19.60 31.30
CA SER B 308 -21.91 20.26 30.41
C SER B 308 -21.16 20.87 29.24
N ILE B 309 -21.91 21.21 28.20
CA ILE B 309 -21.34 21.86 27.02
C ILE B 309 -21.00 23.29 27.41
N GLU B 310 -21.74 23.85 28.35
CA GLU B 310 -21.50 25.20 28.82
C GLU B 310 -20.18 25.28 29.58
N GLU B 311 -19.88 24.29 30.41
CA GLU B 311 -18.63 24.31 31.15
C GLU B 311 -17.45 23.83 30.33
N LYS B 312 -17.69 22.98 29.32
CA LYS B 312 -16.64 22.69 28.36
C LYS B 312 -16.15 23.97 27.69
N ALA B 313 -17.09 24.86 27.33
CA ALA B 313 -16.71 26.12 26.72
C ALA B 313 -16.07 27.06 27.73
N ARG B 314 -16.67 27.21 28.91
CA ARG B 314 -16.25 28.26 29.84
C ARG B 314 -15.00 27.89 30.61
N LEU B 316 -12.61 25.60 29.95
CA LEU B 316 -11.46 25.32 29.11
C LEU B 316 -11.22 26.36 28.02
N GLY B 317 -12.16 27.27 27.81
CA GLY B 317 -11.97 28.27 26.76
C GLY B 317 -12.08 27.73 25.36
N ILE B 318 -12.95 26.75 25.15
CA ILE B 318 -13.20 26.18 23.82
C ILE B 318 -14.32 27.00 23.20
N PRO B 319 -14.17 27.51 21.99
CA PRO B 319 -15.26 28.30 21.38
C PRO B 319 -16.53 27.46 21.33
N PHE B 320 -17.60 28.01 21.90
CA PHE B 320 -18.88 27.30 21.99
C PHE B 320 -19.48 26.83 20.68
N GLU B 321 -19.47 27.69 19.69
CA GLU B 321 -20.08 27.40 18.41
C GLU B 321 -19.47 26.13 17.83
N ASP B 322 -18.19 25.94 18.01
CA ASP B 322 -17.52 24.74 17.50
C ASP B 322 -17.92 23.50 18.27
N LEU B 323 -18.07 23.61 19.59
CA LEU B 323 -18.55 22.47 20.38
C LEU B 323 -19.92 22.01 19.90
N GLN B 324 -20.83 22.97 19.68
CA GLN B 324 -22.16 22.61 19.20
C GLN B 324 -22.12 22.08 17.78
N LEU B 325 -21.25 22.66 16.96
CA LEU B 325 -21.13 22.25 15.56
C LEU B 325 -20.65 20.81 15.42
N HIS B 326 -19.55 20.49 16.10
CA HIS B 326 -18.97 19.15 16.04
C HIS B 326 -19.71 18.16 16.93
N GLY B 327 -20.36 18.65 17.98
CA GLY B 327 -20.94 17.77 18.98
C GLY B 327 -19.96 17.50 20.11
N VAL B 328 -20.51 17.36 21.32
CA VAL B 328 -19.65 17.11 22.48
C VAL B 328 -19.06 15.71 22.43
N VAL B 329 -19.73 14.78 21.77
CA VAL B 329 -19.19 13.44 21.58
C VAL B 329 -18.56 13.39 20.20
N SER B 330 -17.31 13.84 20.11
CA SER B 330 -16.60 13.89 18.85
C SER B 330 -15.10 13.84 19.16
N ALA B 331 -14.33 13.40 18.17
CA ALA B 331 -12.88 13.48 18.29
C ALA B 331 -12.42 14.94 18.41
N PHE B 332 -13.10 15.85 17.69
CA PHE B 332 -12.76 17.25 17.76
C PHE B 332 -12.86 17.77 19.19
N THR B 333 -13.97 17.48 19.86
CA THR B 333 -14.18 17.95 21.22
C THR B 333 -13.20 17.29 22.19
N ALA B 334 -12.99 15.98 22.04
CA ALA B 334 -12.01 15.30 22.88
C ALA B 334 -10.62 15.92 22.73
N GLU B 335 -10.23 16.24 21.48
CA GLU B 335 -8.93 16.85 21.25
C GLU B 335 -8.84 18.22 21.91
N LYS B 336 -9.88 19.04 21.77
CA LYS B 336 -9.85 20.39 22.34
C LYS B 336 -9.80 20.34 23.87
N ALA B 338 -8.59 17.98 25.80
CA ALA B 338 -7.27 17.54 26.24
C ALA B 338 -6.25 18.66 26.04
N GLU B 339 -6.26 19.29 24.86
CA GLU B 339 -5.28 20.34 24.58
C GLU B 339 -5.44 21.52 25.53
N ARG B 340 -6.68 21.94 25.79
CA ARG B 340 -6.90 23.12 26.62
C ARG B 340 -6.57 22.83 28.08
N SER B 341 -6.92 21.63 28.58
CA SER B 341 -6.62 21.32 29.97
C SER B 341 -5.12 21.20 30.19
N ARG B 342 -4.38 20.69 29.21
CA ARG B 342 -2.92 20.67 29.32
C ARG B 342 -2.35 22.08 29.36
N GLN B 343 -2.86 22.97 28.50
CA GLN B 343 -2.32 24.32 28.45
C GLN B 343 -2.67 25.12 29.69
N LEU B 344 -3.83 24.84 30.31
CA LEU B 344 -4.22 25.60 31.49
C LEU B 344 -3.45 25.17 32.74
N THR B 345 -3.04 23.90 32.80
CA THR B 345 -2.31 23.38 33.96
C THR B 345 -0.82 23.25 33.74
N GLN B 346 -0.38 23.31 32.49
CA GLN B 346 1.03 23.16 32.17
C GLN B 346 1.53 21.73 32.39
N ALA B 347 0.60 20.79 32.55
CA ALA B 347 0.97 19.40 32.77
C ALA B 347 1.67 18.86 31.54
N ASP B 348 2.40 17.75 31.74
CA ASP B 348 3.05 17.10 30.60
C ASP B 348 2.02 16.46 29.69
N LEU B 349 0.99 15.82 30.27
CA LEU B 349 -0.01 15.10 29.51
C LEU B 349 -1.41 15.48 30.00
N ALA B 350 -2.37 15.39 29.10
CA ALA B 350 -3.77 15.65 29.44
C ALA B 350 -4.64 14.60 28.77
N ILE B 351 -5.56 14.03 29.54
CA ILE B 351 -6.53 13.06 29.06
C ILE B 351 -7.89 13.76 29.02
N SER B 352 -8.71 13.42 28.03
CA SER B 352 -10.09 13.87 28.01
C SER B 352 -11.01 12.68 27.77
N LEU B 353 -12.22 12.76 28.29
CA LEU B 353 -13.21 11.71 28.16
C LEU B 353 -14.58 12.31 27.91
N THR B 354 -15.14 12.04 26.74
CA THR B 354 -16.47 12.51 26.38
C THR B 354 -17.15 11.40 25.60
N GLY B 355 -18.41 11.13 25.92
CA GLY B 355 -19.07 10.01 25.27
C GLY B 355 -20.50 9.84 25.72
N VAL B 356 -21.12 8.78 25.20
CA VAL B 356 -22.52 8.45 25.46
C VAL B 356 -22.54 7.41 26.57
N ALA B 357 -22.89 7.85 27.79
CA ALA B 357 -22.90 6.93 28.93
C ALA B 357 -24.02 5.91 28.80
N GLY B 358 -25.16 6.32 28.25
CA GLY B 358 -26.29 5.42 28.08
C GLY B 358 -27.36 5.63 29.13
N PRO B 359 -28.37 4.75 29.15
CA PRO B 359 -28.53 3.65 28.20
C PRO B 359 -29.11 4.01 26.83
N ASP B 360 -29.70 5.19 26.66
CA ASP B 360 -30.26 5.56 25.36
C ASP B 360 -29.42 6.63 24.69
N SER B 361 -29.53 6.68 23.36
CA SER B 361 -28.51 7.26 22.49
C SER B 361 -28.41 8.78 22.67
N LEU B 362 -27.40 9.35 22.00
CA LEU B 362 -27.18 10.79 21.98
C LEU B 362 -26.44 11.17 20.70
N GLU B 363 -26.91 12.22 20.04
CA GLU B 363 -26.32 12.74 18.80
C GLU B 363 -26.23 11.66 17.73
N GLY B 364 -27.22 10.77 17.71
CA GLY B 364 -27.23 9.68 16.75
C GLY B 364 -26.12 8.67 16.94
N GLN B 365 -25.51 8.67 18.12
CA GLN B 365 -24.44 7.73 18.44
C GLN B 365 -24.95 6.74 19.47
N PRO B 366 -24.50 5.49 19.39
CA PRO B 366 -25.01 4.51 20.37
C PRO B 366 -24.35 4.65 21.73
N ALA B 367 -25.03 4.11 22.73
CA ALA B 367 -24.48 4.10 24.08
C ALA B 367 -23.14 3.37 24.09
N GLY B 368 -22.22 3.85 24.93
CA GLY B 368 -20.88 3.32 25.00
C GLY B 368 -19.90 3.92 24.03
N THR B 369 -20.36 4.79 23.12
CA THR B 369 -19.47 5.51 22.22
C THR B 369 -18.70 6.55 23.02
N VAL B 370 -17.38 6.38 23.13
CA VAL B 370 -16.54 7.26 23.93
C VAL B 370 -15.37 7.73 23.08
N PHE B 371 -15.10 9.03 23.10
CA PHE B 371 -13.91 9.61 22.50
C PHE B 371 -12.95 10.01 23.62
N ILE B 372 -11.68 9.64 23.48
CA ILE B 372 -10.68 9.86 24.51
C ILE B 372 -9.55 10.65 23.89
N GLY B 373 -9.37 11.88 24.35
CA GLY B 373 -8.29 12.72 23.86
C GLY B 373 -7.05 12.61 24.72
N LEU B 374 -5.89 12.79 24.09
CA LEU B 374 -4.62 12.86 24.79
C LEU B 374 -3.78 13.95 24.16
N SER B 375 -3.26 14.84 24.99
CA SER B 375 -2.49 15.98 24.51
C SER B 375 -1.13 16.00 25.19
N SER B 376 -0.09 16.19 24.40
CA SER B 376 1.25 16.52 24.86
C SER B 376 1.67 17.79 24.13
N SER B 377 2.83 18.33 24.49
CA SER B 377 3.34 19.46 23.72
C SER B 377 3.82 19.04 22.34
N LYS B 378 3.98 17.74 22.10
CA LYS B 378 4.35 17.22 20.79
C LYS B 378 3.14 17.00 19.88
N ARG B 379 2.04 16.50 20.43
CA ARG B 379 0.94 16.03 19.61
C ARG B 379 -0.34 16.01 20.43
N THR B 380 -1.47 16.31 19.77
CA THR B 380 -2.79 16.12 20.34
C THR B 380 -3.56 15.17 19.42
N ALA B 382 -6.85 11.74 19.43
CA ALA B 382 -8.00 11.15 20.10
C ALA B 382 -8.25 9.76 19.54
N ILE B 383 -8.73 8.87 20.40
CA ILE B 383 -9.18 7.55 19.98
C ILE B 383 -10.69 7.48 20.21
N LYS B 384 -11.32 6.56 19.48
CA LYS B 384 -12.73 6.25 19.64
C LYS B 384 -12.85 4.82 20.13
N VAL B 385 -13.59 4.62 21.21
CA VAL B 385 -13.86 3.29 21.72
C VAL B 385 -15.37 3.08 21.76
N LEU B 386 -15.79 1.83 21.58
CA LEU B 386 -17.20 1.44 21.62
C LEU B 386 -17.37 0.48 22.78
N ILE B 387 -18.13 0.88 23.79
CA ILE B 387 -18.42 0.03 24.94
C ILE B 387 -19.91 -0.30 24.91
N GLY B 388 -20.32 -1.10 23.93
CA GLY B 388 -21.74 -1.34 23.71
C GLY B 388 -22.29 -2.44 24.58
N GLY B 389 -23.61 -2.41 24.74
CA GLY B 389 -24.31 -3.43 25.52
C GLY B 389 -24.00 -3.41 26.99
N ARG B 390 -23.45 -2.32 27.51
CA ARG B 390 -23.05 -2.22 28.90
C ARG B 390 -23.86 -1.13 29.61
N SER B 391 -23.97 -1.27 30.92
CA SER B 391 -24.68 -0.30 31.74
C SER B 391 -23.87 0.99 31.87
N ARG B 392 -24.53 2.02 32.42
CA ARG B 392 -23.89 3.33 32.54
C ARG B 392 -22.61 3.25 33.37
N SER B 393 -22.70 2.64 34.54
CA SER B 393 -21.54 2.55 35.41
C SER B 393 -20.39 1.77 34.78
N ASP B 394 -20.69 0.68 34.10
CA ASP B 394 -19.65 -0.10 33.44
C ASP B 394 -19.03 0.67 32.29
N VAL B 395 -19.84 1.40 31.52
CA VAL B 395 -19.29 2.24 30.46
C VAL B 395 -18.29 3.24 31.03
N ARG B 396 -18.66 3.93 32.11
CA ARG B 396 -17.75 4.89 32.72
C ARG B 396 -16.52 4.20 33.31
N TYR B 397 -16.71 3.07 34.00
CA TYR B 397 -15.58 2.34 34.57
C TYR B 397 -14.60 1.90 33.48
N ILE B 398 -15.14 1.35 32.38
CA ILE B 398 -14.28 0.82 31.33
C ILE B 398 -13.64 1.95 30.53
N ALA B 399 -14.37 3.06 30.34
CA ALA B 399 -13.78 4.21 29.65
C ALA B 399 -12.56 4.73 30.40
N VAL B 400 -12.61 4.71 31.73
CA VAL B 400 -11.46 5.14 32.53
C VAL B 400 -10.25 4.27 32.22
N LEU B 401 -10.45 2.95 32.10
CA LEU B 401 -9.34 2.05 31.81
C LEU B 401 -8.79 2.28 30.40
N HIS B 402 -9.68 2.52 29.43
CA HIS B 402 -9.21 2.86 28.08
C HIS B 402 -8.33 4.11 28.10
N ALA B 403 -8.68 5.08 28.93
CA ALA B 403 -7.86 6.29 29.03
C ALA B 403 -6.49 5.98 29.64
N PHE B 404 -6.46 5.16 30.70
CA PHE B 404 -5.18 4.78 31.29
C PHE B 404 -4.32 4.02 30.29
N ASN B 405 -4.93 3.13 29.51
CA ASN B 405 -4.16 2.36 28.53
C ASN B 405 -3.60 3.27 27.44
N LEU B 406 -4.34 4.30 27.06
CA LEU B 406 -3.81 5.27 26.09
C LEU B 406 -2.58 5.97 26.64
N VAL B 407 -2.62 6.40 27.91
CA VAL B 407 -1.44 6.97 28.55
C VAL B 407 -0.30 5.96 28.56
N ARG B 408 -0.62 4.71 28.90
CA ARG B 408 0.41 3.67 28.94
C ARG B 408 1.10 3.52 27.59
N GLN B 409 0.31 3.38 26.52
CA GLN B 409 0.88 3.18 25.19
C GLN B 409 1.73 4.37 24.75
N THR B 410 1.33 5.59 25.14
CA THR B 410 2.07 6.77 24.73
C THR B 410 3.39 6.89 25.49
N LEU B 411 3.39 6.55 26.78
CA LEU B 411 4.62 6.59 27.56
C LEU B 411 5.60 5.51 27.13
N LEU B 412 5.08 4.35 26.71
CA LEU B 412 5.95 3.24 26.31
C LEU B 412 6.43 3.39 24.87
N SER B 413 5.68 4.13 24.05
CA SER B 413 6.05 4.29 22.64
C SER B 413 7.36 5.05 22.52
N HIS B 414 8.35 4.42 21.88
CA HIS B 414 9.65 5.04 21.69
C HIS B 414 9.67 5.90 20.43
N LYS B 415 8.62 6.71 20.29
CA LYS B 415 8.35 7.59 19.15
C LYS B 415 8.25 9.12 19.35
N ASN B 416 8.91 9.69 20.36
CA ASN B 416 8.88 11.17 20.56
C ASN B 416 7.45 11.74 20.62
N LEU B 417 6.65 11.10 21.44
CA LEU B 417 5.23 11.35 21.66
C LEU B 417 4.89 12.15 22.90
N VAL B 418 5.78 12.26 23.88
CA VAL B 418 5.52 13.10 25.05
C VAL B 418 6.61 14.16 25.18
N GLU C 174 -17.95 -47.07 -35.33
CA GLU C 174 -17.34 -46.64 -34.08
C GLU C 174 -16.54 -45.35 -34.28
N LYS C 175 -16.18 -44.73 -33.19
CA LYS C 175 -15.49 -43.46 -33.24
C LYS C 175 -14.10 -43.50 -32.63
N LEU C 176 -13.22 -42.66 -33.15
CA LEU C 176 -11.88 -42.55 -32.60
C LEU C 176 -11.89 -41.63 -31.38
N TYR C 177 -11.01 -41.93 -30.44
CA TYR C 177 -10.89 -41.17 -29.20
C TYR C 177 -9.45 -41.31 -28.72
N SER C 178 -8.87 -40.21 -28.24
CA SER C 178 -7.49 -40.28 -27.75
C SER C 178 -7.18 -39.12 -26.83
N ARG C 179 -6.22 -39.35 -25.94
CA ARG C 179 -5.76 -38.39 -24.96
C ARG C 179 -4.25 -38.54 -24.78
N VAL C 180 -3.58 -37.43 -24.52
CA VAL C 180 -2.12 -37.38 -24.44
C VAL C 180 -1.70 -37.01 -23.02
N LEU C 181 -0.85 -37.84 -22.42
CA LEU C 181 -0.28 -37.55 -21.12
C LEU C 181 1.10 -36.93 -21.28
N ARG C 182 1.36 -35.84 -20.58
CA ARG C 182 2.62 -35.11 -20.69
C ARG C 182 3.39 -35.24 -19.39
N PHE C 183 4.63 -35.72 -19.47
CA PHE C 183 5.50 -35.87 -18.32
C PHE C 183 6.79 -35.10 -18.53
N PHE C 184 7.34 -34.57 -17.44
CA PHE C 184 8.67 -33.97 -17.46
C PHE C 184 9.47 -34.47 -16.26
N GLY C 185 10.77 -34.62 -16.46
CA GLY C 185 11.68 -35.07 -15.42
C GLY C 185 12.12 -36.51 -15.54
N ILE C 186 11.66 -37.23 -16.57
CA ILE C 186 12.02 -38.63 -16.76
C ILE C 186 12.39 -38.84 -18.22
N GLY C 187 13.47 -39.58 -18.45
CA GLY C 187 13.93 -39.86 -19.79
C GLY C 187 13.01 -40.83 -20.52
N GLU C 188 13.38 -41.11 -21.77
CA GLU C 188 12.52 -41.93 -22.62
C GLU C 188 12.66 -43.42 -22.33
N SER C 189 13.82 -43.88 -21.87
CA SER C 189 14.00 -45.31 -21.60
C SER C 189 13.65 -45.70 -20.18
N HIS C 190 13.98 -44.85 -19.19
CA HIS C 190 13.48 -45.06 -17.83
C HIS C 190 11.96 -45.06 -17.79
N LEU C 191 11.30 -44.70 -18.88
CA LEU C 191 9.84 -44.67 -18.95
C LEU C 191 9.25 -46.04 -19.24
N VAL C 192 9.76 -46.74 -20.27
CA VAL C 192 9.11 -47.93 -20.80
C VAL C 192 9.30 -49.14 -19.91
N THR C 193 10.30 -49.13 -19.02
CA THR C 193 10.52 -50.24 -18.11
C THR C 193 9.49 -50.31 -16.99
N LEU C 194 9.05 -49.15 -16.47
CA LEU C 194 7.90 -49.16 -15.56
C LEU C 194 6.62 -49.45 -16.32
N LEU C 195 6.69 -49.21 -17.63
CA LEU C 195 5.60 -49.44 -18.58
C LEU C 195 5.70 -50.81 -19.29
N HIS C 196 6.73 -51.59 -18.99
CA HIS C 196 6.94 -52.90 -19.64
C HIS C 196 5.86 -53.97 -19.45
N ASP C 197 5.40 -54.15 -18.21
CA ASP C 197 4.31 -55.10 -17.89
C ASP C 197 2.92 -54.61 -18.35
N LEU C 198 2.65 -53.33 -18.11
CA LEU C 198 1.42 -52.69 -18.53
C LEU C 198 1.32 -52.49 -20.04
N ILE C 199 2.46 -52.50 -20.72
CA ILE C 199 2.50 -52.32 -22.16
C ILE C 199 1.15 -52.67 -22.80
N THR C 203 -3.86 -54.18 -24.42
CA THR C 203 -5.31 -53.89 -24.59
C THR C 203 -5.67 -52.43 -24.88
N ASP C 204 -6.95 -52.19 -25.20
CA ASP C 204 -7.34 -50.84 -25.59
C ASP C 204 -7.61 -50.12 -24.27
N PRO C 205 -7.16 -48.86 -24.11
CA PRO C 205 -6.55 -47.91 -25.06
C PRO C 205 -5.22 -48.35 -25.65
N THR C 206 -4.93 -47.85 -26.86
CA THR C 206 -3.63 -48.04 -27.47
C THR C 206 -2.63 -47.06 -26.88
N ILE C 207 -1.38 -47.50 -26.75
CA ILE C 207 -0.33 -46.70 -26.14
C ILE C 207 0.67 -46.30 -27.20
N ALA C 208 1.13 -45.06 -27.13
CA ALA C 208 2.07 -44.50 -28.10
C ALA C 208 2.96 -43.50 -27.38
N PRO C 209 4.20 -43.85 -27.05
CA PRO C 209 5.10 -42.91 -26.39
C PRO C 209 5.87 -42.03 -27.38
N TYR C 210 5.88 -40.73 -27.13
CA TYR C 210 6.59 -39.77 -27.95
C TYR C 210 7.42 -38.87 -27.06
N ALA C 211 8.71 -38.75 -27.35
CA ALA C 211 9.62 -37.91 -26.58
C ALA C 211 10.34 -36.96 -27.51
N LYS C 212 10.16 -35.66 -27.29
CA LYS C 212 10.99 -34.64 -27.91
C LYS C 212 11.98 -34.13 -26.87
N THR C 213 12.65 -33.02 -27.18
CA THR C 213 13.74 -32.51 -26.35
C THR C 213 13.20 -32.06 -25.00
N GLY C 214 13.37 -32.90 -23.97
CA GLY C 214 13.15 -32.52 -22.59
C GLY C 214 12.04 -33.28 -21.90
N GLU C 215 11.00 -33.65 -22.64
CA GLU C 215 9.81 -34.23 -22.04
C GLU C 215 9.42 -35.51 -22.78
N VAL C 216 8.44 -36.21 -22.23
CA VAL C 216 7.85 -37.39 -22.86
C VAL C 216 6.33 -37.20 -22.90
N THR C 217 5.72 -37.64 -23.99
CA THR C 217 4.28 -37.65 -24.12
C THR C 217 3.81 -39.07 -24.39
N ILE C 218 2.60 -39.38 -23.94
CA ILE C 218 2.01 -40.70 -24.06
C ILE C 218 0.63 -40.53 -24.67
N ARG C 219 0.43 -41.06 -25.87
CA ARG C 219 -0.84 -40.98 -26.57
C ARG C 219 -1.66 -42.25 -26.33
N LEU C 220 -2.84 -42.08 -25.72
CA LEU C 220 -3.76 -43.17 -25.41
C LEU C 220 -4.98 -43.03 -26.30
N SER C 221 -5.14 -43.93 -27.26
CA SER C 221 -6.26 -43.90 -28.19
C SER C 221 -7.08 -45.17 -28.09
N THR C 222 -8.41 -45.03 -28.13
CA THR C 222 -9.31 -46.16 -28.03
C THR C 222 -10.55 -45.90 -28.87
N LYS C 223 -11.10 -46.98 -29.43
CA LYS C 223 -12.34 -46.91 -30.17
C LYS C 223 -13.52 -47.10 -29.23
N ALA C 224 -14.56 -46.29 -29.43
CA ALA C 224 -15.74 -46.36 -28.59
C ALA C 224 -16.90 -45.71 -29.33
N HIS C 225 -18.09 -45.91 -28.77
CA HIS C 225 -19.28 -45.24 -29.30
C HIS C 225 -19.58 -43.94 -28.58
N ARG C 226 -18.92 -43.66 -27.46
CA ARG C 226 -19.19 -42.39 -26.79
C ARG C 226 -17.99 -41.92 -25.99
N GLN C 227 -17.90 -40.59 -25.88
CA GLN C 227 -16.89 -39.94 -25.04
C GLN C 227 -16.85 -40.54 -23.64
N LYS C 228 -17.98 -40.96 -23.09
CA LYS C 228 -17.97 -41.40 -21.71
C LYS C 228 -17.44 -42.82 -21.57
N GLU C 229 -17.85 -43.73 -22.46
CA GLU C 229 -17.26 -45.06 -22.45
C GLU C 229 -15.79 -45.01 -22.86
N ALA C 230 -15.41 -44.01 -23.67
CA ALA C 230 -14.02 -43.87 -24.08
C ALA C 230 -13.15 -43.33 -22.94
N ASP C 231 -13.70 -42.39 -22.16
CA ASP C 231 -12.89 -41.74 -21.13
C ASP C 231 -12.60 -42.69 -19.97
N SER C 232 -13.65 -43.29 -19.40
CA SER C 232 -13.41 -44.34 -18.41
C SER C 232 -12.50 -45.42 -18.97
N LYS C 233 -12.65 -45.77 -20.26
CA LYS C 233 -11.70 -46.66 -20.91
C LYS C 233 -10.30 -46.08 -20.89
N LEU C 234 -10.17 -44.78 -21.20
CA LEU C 234 -8.86 -44.13 -21.16
C LEU C 234 -8.36 -44.00 -19.73
N ASP C 235 -9.24 -43.60 -18.81
CA ASP C 235 -8.84 -43.45 -17.41
C ASP C 235 -8.41 -44.78 -16.80
N LYS C 236 -9.06 -45.87 -17.22
CA LYS C 236 -8.66 -47.19 -16.74
C LYS C 236 -7.17 -47.43 -16.96
N LEU C 237 -6.74 -47.44 -18.23
CA LEU C 237 -5.32 -47.61 -18.52
C LEU C 237 -4.48 -46.49 -17.91
N GLU C 238 -5.05 -45.29 -17.76
CA GLU C 238 -4.25 -44.13 -17.41
C GLU C 238 -3.73 -44.22 -15.98
N LYS C 239 -4.61 -44.54 -15.03
CA LYS C 239 -4.15 -44.62 -13.64
C LYS C 239 -3.28 -45.84 -13.42
N LYS C 240 -3.51 -46.92 -14.20
CA LYS C 240 -2.56 -48.01 -14.24
C LYS C 240 -1.19 -47.52 -14.72
N ILE C 241 -1.17 -46.50 -15.58
CA ILE C 241 0.09 -45.89 -16.00
C ILE C 241 0.60 -44.93 -14.93
N ILE C 242 -0.31 -44.26 -14.20
CA ILE C 242 0.11 -43.06 -13.48
C ILE C 242 0.99 -43.41 -12.28
N THR C 243 0.46 -44.16 -11.32
CA THR C 243 1.21 -44.38 -10.09
C THR C 243 2.12 -45.61 -10.15
N ILE C 244 2.48 -46.08 -11.33
CA ILE C 244 3.48 -47.13 -11.31
C ILE C 244 4.70 -46.32 -10.87
N ASP C 245 5.40 -46.78 -9.85
CA ASP C 245 6.55 -46.07 -9.29
C ASP C 245 6.11 -44.64 -8.89
N ASN C 246 6.84 -43.66 -9.38
CA ASN C 246 6.58 -42.25 -9.13
C ASN C 246 6.40 -41.51 -10.45
N LEU C 247 5.52 -42.02 -11.31
CA LEU C 247 5.24 -41.29 -12.55
C LEU C 247 4.27 -40.14 -12.33
N ALA C 248 3.48 -40.18 -11.26
CA ALA C 248 2.74 -38.99 -10.86
C ALA C 248 3.67 -37.85 -10.50
N ASP C 249 4.91 -38.15 -10.11
CA ASP C 249 5.92 -37.11 -9.91
C ASP C 249 6.12 -36.31 -11.19
N TYR C 250 6.29 -37.00 -12.31
CA TYR C 250 6.73 -36.37 -13.56
C TYR C 250 5.59 -35.86 -14.40
N PHE C 251 4.36 -36.28 -14.11
CA PHE C 251 3.21 -35.89 -14.90
C PHE C 251 2.80 -34.46 -14.58
N TYR C 252 2.48 -33.68 -15.63
CA TYR C 252 2.13 -32.27 -15.45
C TYR C 252 0.92 -31.78 -16.23
N GLY C 253 0.42 -32.54 -17.21
CA GLY C 253 -0.76 -32.10 -17.94
C GLY C 253 -0.97 -32.91 -19.21
N TYR C 254 -1.96 -32.46 -19.98
CA TYR C 254 -2.39 -33.06 -21.23
C TYR C 254 -2.49 -32.01 -22.35
N GLY C 255 -2.74 -32.43 -23.59
CA GLY C 255 -2.92 -31.55 -24.71
C GLY C 255 -1.76 -31.76 -25.65
N GLU C 256 -2.06 -32.19 -26.87
CA GLU C 256 -1.04 -32.25 -27.89
C GLU C 256 -0.43 -30.87 -28.13
N GLU C 257 -1.22 -29.80 -27.93
CA GLU C 257 -0.71 -28.45 -28.13
C GLU C 257 -0.14 -27.86 -26.84
N ASN C 258 -0.44 -28.49 -25.70
CA ASN C 258 0.06 -27.99 -24.42
C ASN C 258 1.57 -28.18 -24.32
N SER C 259 2.13 -27.58 -23.28
CA SER C 259 3.55 -27.66 -22.96
C SER C 259 3.76 -27.15 -21.55
N LEU C 260 4.93 -27.46 -21.00
CA LEU C 260 5.26 -26.99 -19.65
C LEU C 260 5.25 -25.46 -19.54
N PRO C 261 5.83 -24.69 -20.47
CA PRO C 261 5.69 -23.23 -20.36
C PRO C 261 4.25 -22.75 -20.37
N GLN C 262 3.37 -23.40 -21.14
CA GLN C 262 1.97 -22.97 -21.18
C GLN C 262 1.27 -23.26 -19.86
N VAL C 263 1.55 -24.42 -19.27
CA VAL C 263 0.97 -24.74 -17.96
C VAL C 263 1.44 -23.72 -16.92
N VAL C 264 2.71 -23.33 -16.98
CA VAL C 264 3.22 -22.34 -16.04
C VAL C 264 2.65 -20.97 -16.34
N PHE C 265 2.55 -20.61 -17.63
CA PHE C 265 1.95 -19.34 -18.00
C PHE C 265 0.53 -19.21 -17.46
N ASP C 266 -0.27 -20.26 -17.60
CA ASP C 266 -1.62 -20.25 -17.05
C ASP C 266 -1.60 -20.20 -15.53
N LEU C 267 -0.61 -20.84 -14.90
CA LEU C 267 -0.51 -20.80 -13.44
C LEU C 267 -0.19 -19.40 -12.95
N LEU C 268 0.71 -18.70 -13.64
CA LEU C 268 1.06 -17.33 -13.24
C LEU C 268 -0.11 -16.39 -13.45
N LYS C 269 -0.86 -16.58 -14.54
CA LYS C 269 -2.02 -15.73 -14.80
C LYS C 269 -3.09 -15.90 -13.73
N GLU C 270 -3.33 -17.14 -13.30
CA GLU C 270 -4.39 -17.41 -12.35
C GLU C 270 -4.05 -16.84 -10.98
N LYS C 271 -2.84 -17.11 -10.48
CA LYS C 271 -2.44 -16.65 -9.15
C LYS C 271 -2.18 -15.14 -9.11
N GLY C 272 -2.16 -14.47 -10.26
CA GLY C 272 -1.90 -13.04 -10.28
C GLY C 272 -0.49 -12.71 -9.84
N LYS C 273 0.48 -13.46 -10.35
CA LYS C 273 1.88 -13.26 -9.99
C LYS C 273 2.70 -12.99 -11.25
N THR C 274 3.79 -12.25 -11.07
CA THR C 274 4.69 -11.91 -12.16
C THR C 274 6.05 -12.54 -11.93
N ILE C 275 6.78 -12.73 -13.02
CA ILE C 275 8.06 -13.42 -12.99
C ILE C 275 9.07 -12.64 -13.82
N THR C 276 10.32 -12.68 -13.39
CA THR C 276 11.45 -12.16 -14.16
C THR C 276 12.51 -13.24 -14.23
N ALA C 277 13.61 -12.94 -14.91
CA ALA C 277 14.67 -13.93 -15.02
C ALA C 277 16.01 -13.24 -15.28
N ALA C 278 17.07 -13.89 -14.81
CA ALA C 278 18.44 -13.55 -15.17
C ALA C 278 19.04 -14.78 -15.82
N GLU C 279 19.38 -14.69 -17.09
CA GLU C 279 19.80 -15.83 -17.88
C GLU C 279 21.25 -15.70 -18.32
N SER C 280 21.98 -16.81 -18.26
CA SER C 280 23.33 -16.86 -18.79
C SER C 280 23.33 -17.82 -19.97
N LEU C 281 23.51 -19.13 -19.75
CA LEU C 281 23.73 -20.05 -20.86
C LEU C 281 22.54 -20.11 -21.81
N THR C 282 21.32 -19.94 -21.30
CA THR C 282 20.14 -19.95 -22.16
C THR C 282 19.99 -18.66 -22.96
N ALA C 283 20.58 -17.57 -22.48
CA ALA C 283 20.73 -16.33 -23.25
C ALA C 283 19.40 -15.80 -23.78
N GLY C 284 18.31 -16.02 -23.03
CA GLY C 284 17.02 -15.45 -23.37
C GLY C 284 15.96 -16.46 -23.76
N LEU C 285 16.30 -17.74 -23.87
CA LEU C 285 15.31 -18.73 -24.28
C LEU C 285 14.19 -18.88 -23.26
N PHE C 286 14.49 -18.68 -21.98
CA PHE C 286 13.46 -18.81 -20.96
C PHE C 286 12.43 -17.68 -21.08
N GLN C 287 12.90 -16.43 -21.10
CA GLN C 287 11.99 -15.30 -21.18
C GLN C 287 11.28 -15.24 -22.54
N ALA C 288 11.92 -15.76 -23.58
CA ALA C 288 11.25 -15.81 -24.89
C ALA C 288 10.03 -16.73 -24.86
N ARG C 289 10.07 -17.79 -24.05
CA ARG C 289 8.91 -18.67 -23.93
C ARG C 289 7.77 -18.00 -23.18
N LEU C 290 8.08 -17.11 -22.22
CA LEU C 290 7.03 -16.40 -21.50
C LEU C 290 6.19 -15.57 -22.45
N ALA C 291 6.83 -14.91 -23.42
CA ALA C 291 6.13 -14.06 -24.36
C ALA C 291 5.46 -14.85 -25.49
N ASP C 292 5.49 -16.18 -25.44
CA ASP C 292 4.86 -16.98 -26.48
C ASP C 292 3.35 -16.85 -26.47
N PHE C 293 2.76 -16.62 -25.29
CA PHE C 293 1.33 -16.71 -25.10
C PHE C 293 0.72 -15.32 -24.98
N ALA C 294 -0.55 -15.20 -25.37
CA ALA C 294 -1.23 -13.93 -25.37
C ALA C 294 -1.40 -13.41 -23.94
N GLY C 295 -1.15 -12.11 -23.76
CA GLY C 295 -1.28 -11.51 -22.45
C GLY C 295 -0.09 -11.71 -21.54
N ALA C 296 1.09 -12.01 -22.08
CA ALA C 296 2.28 -12.18 -21.26
C ALA C 296 2.63 -10.90 -20.51
N SER C 297 2.18 -9.75 -21.00
CA SER C 297 2.45 -8.48 -20.34
C SER C 297 1.95 -8.46 -18.89
N ASP C 298 0.93 -9.26 -18.57
CA ASP C 298 0.37 -9.25 -17.22
C ASP C 298 1.23 -10.01 -16.22
N ILE C 299 2.10 -10.92 -16.71
CA ILE C 299 2.91 -11.76 -15.84
C ILE C 299 4.40 -11.57 -16.07
N PHE C 300 4.80 -10.72 -17.02
CA PHE C 300 6.21 -10.56 -17.35
C PHE C 300 6.46 -9.11 -17.73
N LYS C 301 7.32 -8.43 -16.96
CA LYS C 301 7.69 -7.05 -17.24
C LYS C 301 9.09 -6.91 -17.84
N GLY C 302 9.90 -7.97 -17.81
CA GLY C 302 11.24 -7.90 -18.35
C GLY C 302 12.27 -8.59 -17.50
N GLY C 303 13.49 -8.70 -18.01
CA GLY C 303 14.55 -9.35 -17.27
C GLY C 303 15.90 -9.08 -17.87
N PHE C 304 16.87 -9.92 -17.48
CA PHE C 304 18.26 -9.69 -17.81
C PHE C 304 18.85 -10.92 -18.48
N ILE C 305 19.80 -10.66 -19.39
CA ILE C 305 20.64 -11.71 -19.97
C ILE C 305 22.07 -11.38 -19.58
N THR C 306 22.58 -12.08 -18.57
CA THR C 306 23.91 -11.83 -18.01
C THR C 306 24.84 -12.95 -18.48
N TYR C 307 25.39 -12.78 -19.68
CA TYR C 307 26.16 -13.85 -20.30
C TYR C 307 27.58 -13.94 -19.74
N SER C 308 28.19 -12.80 -19.42
CA SER C 308 29.55 -12.77 -18.90
C SER C 308 29.53 -12.56 -17.38
N ILE C 309 30.67 -12.84 -16.75
CA ILE C 309 30.76 -12.65 -15.31
C ILE C 309 30.73 -11.17 -14.97
N GLU C 310 31.26 -10.31 -15.85
CA GLU C 310 31.26 -8.88 -15.58
C GLU C 310 29.85 -8.30 -15.62
N GLU C 311 29.00 -8.81 -16.51
CA GLU C 311 27.64 -8.31 -16.58
C GLU C 311 26.75 -8.91 -15.50
N LYS C 312 27.07 -10.12 -15.03
CA LYS C 312 26.40 -10.63 -13.84
C LYS C 312 26.61 -9.70 -12.65
N ALA C 313 27.81 -9.15 -12.53
CA ALA C 313 28.11 -8.24 -11.43
C ALA C 313 27.54 -6.85 -11.70
N ARG C 314 27.71 -6.34 -12.92
CA ARG C 314 27.33 -4.96 -13.21
C ARG C 314 25.83 -4.79 -13.28
N LEU C 316 23.14 -7.00 -12.26
CA LEU C 316 22.34 -7.43 -11.12
C LEU C 316 22.82 -6.86 -9.80
N GLY C 317 24.03 -6.30 -9.75
CA GLY C 317 24.55 -5.75 -8.52
C GLY C 317 25.15 -6.77 -7.58
N ILE C 318 25.74 -7.84 -8.12
CA ILE C 318 26.39 -8.87 -7.33
C ILE C 318 27.87 -8.53 -7.21
N PRO C 319 28.46 -8.62 -6.03
CA PRO C 319 29.89 -8.31 -5.88
C PRO C 319 30.74 -9.19 -6.79
N PHE C 320 31.64 -8.54 -7.54
CA PHE C 320 32.46 -9.27 -8.51
C PHE C 320 33.38 -10.28 -7.84
N GLU C 321 33.80 -9.97 -6.62
CA GLU C 321 34.64 -10.87 -5.86
C GLU C 321 33.86 -12.12 -5.50
N ASP C 322 32.58 -11.94 -5.17
CA ASP C 322 31.71 -13.06 -4.82
C ASP C 322 31.62 -14.06 -5.98
N LEU C 323 31.41 -13.55 -7.20
CA LEU C 323 31.30 -14.42 -8.36
C LEU C 323 32.62 -15.16 -8.64
N GLN C 324 33.75 -14.47 -8.45
CA GLN C 324 35.03 -15.12 -8.63
C GLN C 324 35.27 -16.19 -7.57
N LEU C 325 34.91 -15.90 -6.32
CA LEU C 325 35.16 -16.84 -5.24
C LEU C 325 34.33 -18.11 -5.40
N HIS C 326 33.05 -17.97 -5.73
CA HIS C 326 32.16 -19.12 -5.82
C HIS C 326 32.07 -19.71 -7.22
N GLY C 327 32.51 -18.99 -8.24
CA GLY C 327 32.35 -19.46 -9.60
C GLY C 327 30.98 -19.12 -10.16
N VAL C 328 30.95 -18.88 -11.48
CA VAL C 328 29.70 -18.49 -12.12
C VAL C 328 28.74 -19.67 -12.22
N VAL C 329 29.26 -20.89 -12.31
CA VAL C 329 28.42 -22.08 -12.32
C VAL C 329 28.39 -22.66 -10.91
N SER C 330 27.51 -22.12 -10.06
CA SER C 330 27.41 -22.53 -8.67
C SER C 330 26.00 -22.27 -8.18
N ALA C 331 25.64 -22.93 -7.09
CA ALA C 331 24.36 -22.64 -6.44
C ALA C 331 24.34 -21.23 -5.89
N PHE C 332 25.48 -20.77 -5.35
CA PHE C 332 25.57 -19.41 -4.84
C PHE C 332 25.27 -18.39 -5.92
N THR C 333 25.94 -18.51 -7.08
CA THR C 333 25.74 -17.55 -8.16
C THR C 333 24.31 -17.62 -8.71
N ALA C 334 23.75 -18.83 -8.78
CA ALA C 334 22.38 -18.98 -9.25
C ALA C 334 21.40 -18.29 -8.31
N GLU C 335 21.61 -18.44 -6.99
CA GLU C 335 20.70 -17.82 -6.03
C GLU C 335 20.85 -16.31 -6.01
N LYS C 336 22.08 -15.80 -6.18
CA LYS C 336 22.28 -14.36 -6.19
C LYS C 336 21.68 -13.72 -7.43
N ALA C 338 19.11 -14.83 -9.03
CA ALA C 338 17.66 -14.88 -8.87
C ALA C 338 17.18 -13.82 -7.89
N GLU C 339 17.88 -13.71 -6.76
CA GLU C 339 17.51 -12.74 -5.73
C GLU C 339 17.68 -11.29 -6.17
N ARG C 340 18.76 -11.01 -6.88
CA ARG C 340 19.03 -9.65 -7.34
C ARG C 340 18.08 -9.25 -8.47
N SER C 341 17.77 -10.18 -9.37
CA SER C 341 16.82 -9.85 -10.44
C SER C 341 15.42 -9.64 -9.89
N ARG C 342 15.03 -10.38 -8.85
CA ARG C 342 13.74 -10.15 -8.23
C ARG C 342 13.68 -8.77 -7.56
N GLN C 343 14.76 -8.37 -6.88
CA GLN C 343 14.77 -7.10 -6.19
C GLN C 343 14.77 -5.92 -7.15
N LEU C 344 15.43 -6.06 -8.31
CA LEU C 344 15.49 -4.97 -9.27
C LEU C 344 14.17 -4.78 -10.02
N THR C 345 13.32 -5.81 -10.07
CA THR C 345 12.07 -5.76 -10.79
C THR C 345 10.84 -5.78 -9.90
N GLN C 346 10.99 -6.15 -8.62
CA GLN C 346 9.86 -6.38 -7.70
C GLN C 346 8.88 -7.39 -8.27
N ALA C 347 9.35 -8.29 -9.11
CA ALA C 347 8.52 -9.40 -9.53
C ALA C 347 8.27 -10.34 -8.35
N ASP C 348 7.20 -11.12 -8.46
CA ASP C 348 6.90 -12.08 -7.41
C ASP C 348 7.93 -13.21 -7.39
N LEU C 349 8.28 -13.74 -8.56
CA LEU C 349 9.24 -14.81 -8.69
C LEU C 349 10.34 -14.40 -9.65
N ALA C 350 11.52 -14.99 -9.47
CA ALA C 350 12.65 -14.75 -10.35
C ALA C 350 13.41 -16.05 -10.57
N ILE C 351 13.69 -16.36 -11.82
CA ILE C 351 14.43 -17.55 -12.21
C ILE C 351 15.82 -17.13 -12.66
N SER C 352 16.82 -17.95 -12.34
CA SER C 352 18.15 -17.77 -12.89
C SER C 352 18.64 -19.09 -13.46
N LEU C 353 19.46 -19.00 -14.51
CA LEU C 353 20.03 -20.17 -15.16
C LEU C 353 21.50 -19.92 -15.45
N THR C 354 22.37 -20.73 -14.86
CA THR C 354 23.80 -20.70 -15.17
C THR C 354 24.32 -22.12 -15.23
N GLY C 355 25.13 -22.40 -16.23
CA GLY C 355 25.66 -23.75 -16.37
C GLY C 355 26.56 -23.87 -17.57
N VAL C 356 26.96 -25.10 -17.84
CA VAL C 356 27.90 -25.41 -18.91
C VAL C 356 27.07 -25.95 -20.07
N ALA C 357 26.87 -25.12 -21.10
CA ALA C 357 26.14 -25.58 -22.28
C ALA C 357 26.89 -26.71 -22.99
N GLY C 358 28.21 -26.77 -22.82
CA GLY C 358 29.01 -27.81 -23.44
C GLY C 358 29.59 -27.38 -24.77
N PRO C 359 30.23 -28.31 -25.48
CA PRO C 359 30.46 -29.70 -25.04
C PRO C 359 31.54 -29.95 -23.98
N ASP C 360 32.54 -29.09 -23.78
CA ASP C 360 33.55 -29.39 -22.77
C ASP C 360 33.44 -28.47 -21.56
N SER C 361 34.22 -28.83 -20.54
CA SER C 361 33.93 -28.47 -19.17
C SER C 361 34.17 -26.99 -18.91
N LEU C 362 33.71 -26.58 -17.72
CA LEU C 362 33.91 -25.24 -17.20
C LEU C 362 34.08 -25.39 -15.69
N GLU C 363 35.14 -24.80 -15.15
CA GLU C 363 35.41 -24.86 -13.72
C GLU C 363 35.34 -26.30 -13.20
N GLY C 364 35.70 -27.25 -14.04
CA GLY C 364 35.67 -28.65 -13.66
C GLY C 364 34.30 -29.29 -13.62
N GLN C 365 33.28 -28.56 -14.05
CA GLN C 365 31.92 -29.11 -14.11
C GLN C 365 31.72 -29.65 -15.53
N PRO C 366 31.13 -30.84 -15.66
CA PRO C 366 30.98 -31.39 -17.02
C PRO C 366 29.90 -30.66 -17.81
N ALA C 367 29.88 -30.93 -19.11
CA ALA C 367 28.85 -30.37 -19.97
C ALA C 367 27.48 -30.86 -19.54
N GLY C 368 26.50 -29.97 -19.59
CA GLY C 368 25.16 -30.27 -19.13
C GLY C 368 24.91 -29.93 -17.67
N THR C 369 25.94 -29.52 -16.92
CA THR C 369 25.76 -29.09 -15.55
C THR C 369 25.09 -27.72 -15.54
N VAL C 370 23.94 -27.61 -14.88
CA VAL C 370 23.18 -26.37 -14.83
C VAL C 370 22.67 -26.16 -13.42
N PHE C 371 22.84 -24.94 -12.90
CA PHE C 371 22.23 -24.51 -11.66
C PHE C 371 21.09 -23.57 -11.98
N ILE C 372 19.92 -23.80 -11.37
CA ILE C 372 18.73 -23.00 -11.61
C ILE C 372 18.28 -22.45 -10.27
N GLY C 373 18.33 -21.13 -10.12
CA GLY C 373 17.89 -20.47 -8.91
C GLY C 373 16.47 -19.96 -9.05
N LEU C 374 15.77 -19.94 -7.91
CA LEU C 374 14.41 -19.39 -7.85
C LEU C 374 14.29 -18.58 -6.58
N SER C 375 13.93 -17.30 -6.73
CA SER C 375 13.79 -16.40 -5.61
C SER C 375 12.34 -15.92 -5.52
N SER C 376 11.77 -16.09 -4.34
CA SER C 376 10.45 -15.56 -3.99
C SER C 376 10.64 -14.59 -2.83
N SER C 377 9.55 -13.99 -2.35
CA SER C 377 9.68 -13.19 -1.15
C SER C 377 9.66 -14.04 0.12
N LYS C 378 9.27 -15.33 0.02
CA LYS C 378 9.37 -16.20 1.19
C LYS C 378 10.72 -16.90 1.25
N ARG C 379 11.21 -17.43 0.12
CA ARG C 379 12.48 -18.13 0.15
C ARG C 379 13.25 -18.09 -1.16
N THR C 380 14.57 -18.32 -1.04
CA THR C 380 15.46 -18.34 -2.20
C THR C 380 16.25 -19.65 -2.17
N ALA C 382 18.11 -23.04 -4.97
CA ALA C 382 18.64 -23.41 -6.27
C ALA C 382 18.65 -24.92 -6.39
N ILE C 383 18.45 -25.39 -7.62
CA ILE C 383 18.55 -26.81 -7.93
C ILE C 383 19.74 -27.02 -8.85
N LYS C 384 20.27 -28.25 -8.83
CA LYS C 384 21.35 -28.66 -9.71
C LYS C 384 20.87 -29.80 -10.58
N VAL C 385 21.00 -29.65 -11.90
CA VAL C 385 20.60 -30.67 -12.84
C VAL C 385 21.78 -31.01 -13.73
N LEU C 386 21.73 -32.20 -14.32
CA LEU C 386 22.76 -32.67 -15.25
C LEU C 386 22.07 -33.09 -16.54
N ILE C 387 22.30 -32.33 -17.61
CA ILE C 387 21.79 -32.68 -18.93
C ILE C 387 22.95 -33.22 -19.75
N GLY C 388 23.38 -34.44 -19.43
CA GLY C 388 24.57 -35.00 -20.05
C GLY C 388 24.28 -35.71 -21.37
N GLY C 389 25.32 -35.74 -22.21
CA GLY C 389 25.19 -36.40 -23.50
C GLY C 389 24.32 -35.66 -24.49
N ARG C 390 24.08 -34.38 -24.29
CA ARG C 390 23.23 -33.62 -25.22
C ARG C 390 23.99 -32.47 -25.89
N SER C 391 23.56 -32.08 -27.09
CA SER C 391 24.23 -30.99 -27.79
C SER C 391 24.02 -29.69 -27.03
N ARG C 392 24.82 -28.70 -27.43
CA ARG C 392 24.77 -27.39 -26.78
C ARG C 392 23.37 -26.80 -26.87
N SER C 393 22.72 -26.95 -28.02
CA SER C 393 21.36 -26.43 -28.17
C SER C 393 20.36 -27.19 -27.29
N ASP C 394 20.41 -28.52 -27.22
CA ASP C 394 19.43 -29.23 -26.40
C ASP C 394 19.66 -28.97 -24.92
N VAL C 395 20.93 -28.85 -24.51
CA VAL C 395 21.20 -28.53 -23.11
C VAL C 395 20.50 -27.23 -22.74
N ARG C 396 20.61 -26.22 -23.60
CA ARG C 396 19.97 -24.94 -23.33
C ARG C 396 18.46 -25.05 -23.27
N TYR C 397 17.87 -25.77 -24.23
CA TYR C 397 16.41 -25.86 -24.28
C TYR C 397 15.87 -26.73 -23.15
N ILE C 398 16.56 -27.83 -22.83
CA ILE C 398 16.11 -28.67 -21.73
C ILE C 398 16.30 -27.95 -20.39
N ALA C 399 17.32 -27.09 -20.29
CA ALA C 399 17.48 -26.29 -19.08
C ALA C 399 16.29 -25.36 -18.87
N VAL C 400 15.74 -24.82 -19.95
CA VAL C 400 14.58 -23.94 -19.85
C VAL C 400 13.40 -24.69 -19.23
N LEU C 401 13.18 -25.94 -19.68
CA LEU C 401 12.06 -26.72 -19.17
C LEU C 401 12.25 -27.06 -17.69
N HIS C 402 13.50 -27.34 -17.28
CA HIS C 402 13.77 -27.56 -15.87
C HIS C 402 13.42 -26.33 -15.04
N ALA C 403 13.72 -25.14 -15.57
CA ALA C 403 13.36 -23.91 -14.88
C ALA C 403 11.85 -23.73 -14.81
N PHE C 404 11.15 -23.98 -15.91
CA PHE C 404 9.69 -23.88 -15.90
C PHE C 404 9.07 -24.91 -14.97
N ASN C 405 9.66 -26.12 -14.91
CA ASN C 405 9.16 -27.14 -13.99
C ASN C 405 9.33 -26.70 -12.55
N LEU C 406 10.44 -26.02 -12.23
CA LEU C 406 10.66 -25.55 -10.87
C LEU C 406 9.64 -24.49 -10.47
N VAL C 407 9.30 -23.60 -11.40
CA VAL C 407 8.25 -22.61 -11.13
C VAL C 407 6.91 -23.30 -10.93
N ARG C 408 6.65 -24.34 -11.73
CA ARG C 408 5.38 -25.06 -11.62
C ARG C 408 5.20 -25.68 -10.24
N GLN C 409 6.21 -26.43 -9.79
CA GLN C 409 6.12 -27.08 -8.49
C GLN C 409 6.00 -26.07 -7.36
N THR C 410 6.61 -24.88 -7.53
CA THR C 410 6.49 -23.84 -6.51
C THR C 410 5.06 -23.31 -6.43
N LEU C 411 4.42 -23.10 -7.58
CA LEU C 411 3.05 -22.59 -7.58
C LEU C 411 2.05 -23.67 -7.19
N LEU C 412 2.33 -24.93 -7.54
CA LEU C 412 1.39 -26.01 -7.29
C LEU C 412 1.41 -26.52 -5.85
N SER C 413 2.30 -26.01 -5.00
CA SER C 413 2.35 -26.43 -3.61
C SER C 413 1.26 -25.73 -2.81
N HIS C 414 0.55 -26.51 -1.99
CA HIS C 414 -0.50 -25.96 -1.15
C HIS C 414 -0.16 -26.12 0.34
#